data_4PJN
#
_entry.id   4PJN
#
_cell.length_a   91.320
_cell.length_b   95.750
_cell.length_c   103.420
_cell.angle_alpha   90.00
_cell.angle_beta   90.00
_cell.angle_gamma   90.00
#
_symmetry.space_group_name_H-M   'P 21 21 21'
#
loop_
_entity.id
_entity.type
_entity.pdbx_description
1 polymer 'Unconventional myosin-VI'
2 non-polymer GLYCEROL
3 non-polymer 'PHOSPHATE ION'
4 non-polymer 'MAGNESIUM ION'
5 non-polymer "ADENOSINE-5'-DIPHOSPHATE"
6 water water
#
_entity_poly.entity_id   1
_entity_poly.type   'polypeptide(L)'
_entity_poly.pdbx_seq_one_letter_code
;EDGKPVWAPHPTDGFQVGNIVDIGPDSLTIEPLNQKGKTFLALINQVFPAEEDSKKDVEDNCSLMYLNEATLLHNIKVRY
SKDRIYTYVANILIAVNPYFDIPKIYSSETIKSYQGKSLGTMPPHVFAIADKAFRDMKVLKLSQSIIVSGESGAGKTENT
KFVLRYLTESYGTGQDIDDRIVEANPLLEAFGNAKTVRNNNSSRFGKFVEIHFNEKSSVVGGFVSHYLLEKSRICVQGKE
ERNYHIFYRLCAGASEDIRERLHLSSPDNFRYLNRGCTRYFANKETDKQILQNRKSPEYLKAGSLKDPLLDDHGDFIRMC
TAMKKIGLDDEEKLDLFRVVAGVLHLGNIDFEEAGSTSGGCNLKNKSTQALEYCAELLGLDQDDLRVSLTTRVMLTTAGG
AKGTVIKVPLKVEQANNARDALAKTVYSHLFDHVVNRVNQCFPFETSSYFIGVLDIAGFEYFEHNSFEQFCINYCNEKLQ
QFFNERILKEEQELYQKEGLGVNEVHYVDNQDCIDLIEARLVGILDILDEENRLPQPSDQHFTSAVHQKHKDHFRLSIPR
KSKLAIHRNIRDDEGFIIRHFAGAVCYETTQFVEKNNDALHMSLESLICESRDKFIRELFESSTNNNKDTKQKAGKLSFI
SVGNKFKTQLNLLLDKLRSTGASFIRCIKPNLKMTSHHFEGAQILSQLQCSGMVSVLDLMQGGFPSRASFHELYNMYKKY
MPDKLARLDPRLFCKALFKALGLNEIDYKFGLTKVFFRPGKFAEFDQIMKSDPDHLAELVKRVNHWLI
;
_entity_poly.pdbx_strand_id   A
#
loop_
_chem_comp.id
_chem_comp.type
_chem_comp.name
_chem_comp.formula
ADP non-polymer ADENOSINE-5'-DIPHOSPHATE 'C10 H15 N5 O10 P2'
GOL non-polymer GLYCEROL 'C3 H8 O3'
MG non-polymer 'MAGNESIUM ION' 'Mg 2'
PO4 non-polymer 'PHOSPHATE ION' 'O4 P -3'
#
# COMPACT_ATOMS: atom_id res chain seq x y z
N LYS A 4 -38.94 12.15 6.19
CA LYS A 4 -39.70 10.91 6.26
C LYS A 4 -39.04 9.71 5.54
N PRO A 5 -38.63 9.72 4.23
CA PRO A 5 -37.94 8.53 3.68
C PRO A 5 -36.65 8.23 4.43
N VAL A 6 -36.36 6.93 4.59
CA VAL A 6 -35.19 6.42 5.31
C VAL A 6 -34.38 5.48 4.42
N TRP A 7 -33.16 5.13 4.86
CA TRP A 7 -32.33 4.14 4.20
C TRP A 7 -32.49 2.89 5.02
N ALA A 8 -32.80 1.77 4.38
CA ALA A 8 -32.94 0.45 5.02
C ALA A 8 -32.13 -0.56 4.23
N PRO A 9 -31.71 -1.72 4.83
CA PRO A 9 -30.80 -2.62 4.13
C PRO A 9 -31.30 -3.19 2.82
N HIS A 10 -30.36 -3.44 1.93
CA HIS A 10 -30.59 -4.05 0.62
C HIS A 10 -29.44 -5.05 0.43
N PRO A 11 -29.72 -6.29 -0.05
CA PRO A 11 -28.66 -7.29 -0.14
C PRO A 11 -27.45 -6.97 -1.01
N THR A 12 -27.68 -6.28 -2.14
CA THR A 12 -26.60 -5.98 -3.09
C THR A 12 -26.26 -4.51 -3.16
N ASP A 13 -27.22 -3.62 -2.90
CA ASP A 13 -26.96 -2.19 -2.94
C ASP A 13 -26.51 -1.61 -1.57
N GLY A 14 -26.49 -2.42 -0.50
CA GLY A 14 -26.12 -1.94 0.84
C GLY A 14 -27.33 -1.31 1.49
N PHE A 15 -27.87 -0.25 0.87
CA PHE A 15 -29.11 0.35 1.35
C PHE A 15 -30.04 0.64 0.21
N GLN A 16 -31.32 0.81 0.53
CA GLN A 16 -32.39 1.18 -0.38
C GLN A 16 -33.28 2.16 0.34
N VAL A 17 -33.97 3.01 -0.42
CA VAL A 17 -34.81 4.06 0.14
C VAL A 17 -36.21 3.56 0.33
N GLY A 18 -36.80 3.93 1.44
CA GLY A 18 -38.17 3.55 1.74
C GLY A 18 -38.77 4.36 2.86
N ASN A 19 -39.98 3.98 3.27
CA ASN A 19 -40.70 4.62 4.37
C ASN A 19 -41.04 3.63 5.45
N ILE A 20 -41.00 4.08 6.71
CA ILE A 20 -41.39 3.22 7.84
C ILE A 20 -42.90 3.21 7.87
N VAL A 21 -43.50 2.03 7.81
CA VAL A 21 -44.96 1.91 7.82
C VAL A 21 -45.48 1.21 9.10
N ASP A 22 -44.55 0.70 9.94
CA ASP A 22 -44.90 0.01 11.20
C ASP A 22 -43.66 -0.21 12.04
N ILE A 23 -43.88 -0.56 13.33
CA ILE A 23 -42.83 -0.85 14.31
C ILE A 23 -43.30 -2.07 15.11
N GLY A 24 -42.37 -2.99 15.35
CA GLY A 24 -42.67 -4.16 16.15
C GLY A 24 -41.52 -4.37 17.12
N PRO A 25 -41.58 -5.39 18.00
CA PRO A 25 -40.42 -5.66 18.87
C PRO A 25 -39.23 -6.01 17.99
N ASP A 26 -38.12 -5.29 18.19
CA ASP A 26 -36.86 -5.47 17.42
C ASP A 26 -36.99 -5.39 15.87
N SER A 27 -37.99 -4.64 15.34
CA SER A 27 -38.18 -4.49 13.89
C SER A 27 -38.88 -3.22 13.46
N LEU A 28 -38.59 -2.80 12.23
CA LEU A 28 -39.29 -1.71 11.57
C LEU A 28 -39.78 -2.28 10.27
N THR A 29 -41.05 -2.02 9.90
CA THR A 29 -41.57 -2.45 8.61
C THR A 29 -41.33 -1.31 7.63
N ILE A 30 -40.59 -1.61 6.55
CA ILE A 30 -40.25 -0.64 5.52
C ILE A 30 -41.03 -0.92 4.24
N GLU A 31 -41.53 0.15 3.62
CA GLU A 31 -42.17 0.10 2.33
C GLU A 31 -41.16 0.67 1.32
N PRO A 32 -40.66 -0.14 0.36
CA PRO A 32 -39.72 0.41 -0.65
C PRO A 32 -40.36 1.57 -1.42
N LEU A 33 -39.59 2.64 -1.67
CA LEU A 33 -40.05 3.82 -2.40
C LEU A 33 -40.70 3.48 -3.74
N ASN A 34 -41.92 4.03 -3.95
CA ASN A 34 -42.78 3.87 -5.13
C ASN A 34 -43.21 2.42 -5.39
N GLN A 35 -43.37 1.63 -4.30
CA GLN A 35 -43.79 0.23 -4.34
C GLN A 35 -44.85 0.01 -3.27
N LYS A 36 -45.91 0.84 -3.30
CA LYS A 36 -47.00 0.79 -2.34
C LYS A 36 -47.58 -0.62 -2.28
N GLY A 37 -47.72 -1.14 -1.07
CA GLY A 37 -48.23 -2.50 -0.84
C GLY A 37 -47.14 -3.45 -0.39
N LYS A 38 -45.95 -3.31 -0.97
CA LYS A 38 -44.79 -4.14 -0.66
C LYS A 38 -44.17 -3.69 0.67
N THR A 39 -43.65 -4.65 1.47
CA THR A 39 -43.00 -4.39 2.75
C THR A 39 -41.91 -5.39 3.02
N PHE A 40 -40.95 -5.01 3.87
CA PHE A 40 -39.89 -5.88 4.34
C PHE A 40 -39.52 -5.47 5.76
N LEU A 41 -39.06 -6.43 6.58
CA LEU A 41 -38.64 -6.13 7.95
C LEU A 41 -37.18 -5.76 7.96
N ALA A 42 -36.83 -4.82 8.84
CA ALA A 42 -35.44 -4.42 9.03
C ALA A 42 -35.24 -4.22 10.52
N LEU A 43 -34.01 -4.46 11.01
CA LEU A 43 -33.68 -4.25 12.43
C LEU A 43 -33.70 -2.75 12.67
N ILE A 44 -34.20 -2.31 13.84
CA ILE A 44 -34.27 -0.88 14.17
C ILE A 44 -32.94 -0.15 13.95
N ASN A 45 -31.82 -0.75 14.38
CA ASN A 45 -30.50 -0.13 14.25
C ASN A 45 -29.87 -0.25 12.85
N GLN A 46 -30.59 -0.82 11.88
CA GLN A 46 -30.09 -0.92 10.50
C GLN A 46 -30.84 0.05 9.57
N VAL A 47 -31.66 0.93 10.15
CA VAL A 47 -32.46 1.92 9.44
C VAL A 47 -31.92 3.30 9.81
N PHE A 48 -31.60 4.10 8.80
CA PHE A 48 -30.97 5.40 8.98
C PHE A 48 -31.72 6.53 8.32
N PRO A 49 -31.66 7.75 8.90
CA PRO A 49 -32.29 8.90 8.22
C PRO A 49 -31.58 9.19 6.89
N ALA A 50 -32.33 9.66 5.91
CA ALA A 50 -31.81 9.97 4.58
C ALA A 50 -31.79 11.47 4.40
N GLU A 51 -30.90 11.98 3.52
CA GLU A 51 -30.89 13.42 3.24
C GLU A 51 -32.17 13.76 2.51
N GLU A 52 -32.73 14.95 2.76
CA GLU A 52 -33.98 15.38 2.13
C GLU A 52 -33.88 15.42 0.61
N ASP A 53 -32.71 15.86 0.06
CA ASP A 53 -32.54 15.92 -1.39
C ASP A 53 -31.68 14.76 -1.85
N SER A 54 -32.30 13.76 -2.49
CA SER A 54 -31.66 12.54 -2.96
C SER A 54 -30.77 12.76 -4.18
N LYS A 55 -30.98 13.86 -4.91
CA LYS A 55 -30.24 14.20 -6.12
C LYS A 55 -28.95 14.99 -5.86
N LYS A 56 -28.89 15.76 -4.78
CA LYS A 56 -27.69 16.52 -4.46
C LYS A 56 -26.49 15.62 -4.07
N ASP A 57 -25.27 16.19 -4.12
CA ASP A 57 -24.07 15.56 -3.63
C ASP A 57 -23.28 16.67 -2.93
N VAL A 58 -22.51 16.32 -1.92
CA VAL A 58 -21.68 17.30 -1.21
C VAL A 58 -20.23 16.87 -1.35
N GLU A 59 -19.33 17.85 -1.42
CA GLU A 59 -17.89 17.59 -1.57
C GLU A 59 -17.30 17.05 -0.28
N ASP A 60 -17.88 17.48 0.87
CA ASP A 60 -17.43 17.00 2.16
C ASP A 60 -18.62 16.29 2.81
N ASN A 61 -18.46 14.99 3.13
CA ASN A 61 -19.49 14.21 3.84
C ASN A 61 -19.93 14.81 5.19
N CYS A 62 -19.05 15.66 5.79
CA CYS A 62 -19.36 16.36 7.04
C CYS A 62 -20.47 17.38 6.91
N SER A 63 -20.77 17.82 5.66
CA SER A 63 -21.82 18.80 5.30
C SER A 63 -23.22 18.16 5.29
N LEU A 64 -23.29 16.83 5.29
CA LEU A 64 -24.56 16.10 5.28
C LEU A 64 -25.31 16.40 6.58
N MET A 65 -26.61 16.66 6.47
CA MET A 65 -27.48 16.96 7.60
C MET A 65 -27.48 15.72 8.51
N TYR A 66 -27.61 14.53 7.92
CA TYR A 66 -27.59 13.26 8.63
C TYR A 66 -26.42 12.40 8.17
N LEU A 67 -25.26 12.54 8.80
CA LEU A 67 -24.10 11.74 8.44
C LEU A 67 -24.14 10.41 9.17
N ASN A 68 -24.13 9.32 8.40
CA ASN A 68 -24.19 7.94 8.88
C ASN A 68 -23.74 7.05 7.71
N GLU A 69 -23.54 5.75 7.92
CA GLU A 69 -23.04 4.89 6.84
C GLU A 69 -23.88 4.91 5.52
N ALA A 70 -25.20 5.02 5.63
CA ALA A 70 -26.12 5.03 4.48
C ALA A 70 -26.03 6.30 3.64
N THR A 71 -26.03 7.46 4.28
CA THR A 71 -25.97 8.74 3.59
C THR A 71 -24.57 8.95 3.01
N LEU A 72 -23.53 8.44 3.68
CA LEU A 72 -22.15 8.45 3.21
C LEU A 72 -22.07 7.64 1.89
N LEU A 73 -22.62 6.39 1.88
CA LEU A 73 -22.67 5.51 0.72
C LEU A 73 -23.38 6.18 -0.45
N HIS A 74 -24.54 6.77 -0.17
CA HIS A 74 -25.33 7.46 -1.18
C HIS A 74 -24.58 8.65 -1.79
N ASN A 75 -23.97 9.50 -0.93
CA ASN A 75 -23.26 10.66 -1.42
C ASN A 75 -22.10 10.28 -2.34
N ILE A 76 -21.30 9.27 -1.96
CA ILE A 76 -20.18 8.85 -2.80
C ILE A 76 -20.65 8.14 -4.08
N LYS A 77 -21.83 7.52 -4.03
CA LYS A 77 -22.45 6.88 -5.18
C LYS A 77 -22.90 7.90 -6.22
N VAL A 78 -23.58 8.97 -5.77
CA VAL A 78 -24.03 10.04 -6.66
C VAL A 78 -22.83 10.68 -7.36
N ARG A 79 -21.77 11.02 -6.59
CA ARG A 79 -20.54 11.61 -7.10
C ARG A 79 -19.85 10.69 -8.10
N TYR A 80 -19.74 9.42 -7.75
CA TYR A 80 -19.10 8.43 -8.63
C TYR A 80 -19.83 8.30 -9.98
N SER A 81 -21.19 8.32 -9.97
CA SER A 81 -21.95 8.22 -11.22
C SER A 81 -21.63 9.40 -12.18
N LYS A 82 -21.08 10.50 -11.62
CA LYS A 82 -20.71 11.70 -12.37
C LYS A 82 -19.22 11.85 -12.50
N ASP A 83 -18.45 10.75 -12.35
CA ASP A 83 -16.96 10.78 -12.44
C ASP A 83 -16.27 11.67 -11.41
N ARG A 84 -16.94 11.94 -10.29
CA ARG A 84 -16.32 12.69 -9.20
C ARG A 84 -15.89 11.59 -8.18
N ILE A 85 -14.69 11.06 -8.37
CA ILE A 85 -14.12 9.94 -7.59
C ILE A 85 -13.58 10.34 -6.21
N TYR A 86 -13.39 11.66 -5.99
CA TYR A 86 -12.80 12.16 -4.75
C TYR A 86 -13.81 12.87 -3.87
N THR A 87 -13.91 12.46 -2.60
CA THR A 87 -14.85 13.13 -1.66
C THR A 87 -14.16 13.19 -0.29
N TYR A 88 -14.36 14.30 0.46
CA TYR A 88 -13.81 14.44 1.82
C TYR A 88 -14.71 13.90 2.90
N VAL A 89 -14.09 13.61 4.07
CA VAL A 89 -14.73 13.38 5.36
C VAL A 89 -13.83 14.29 6.18
N ALA A 90 -14.16 15.61 6.19
CA ALA A 90 -13.31 16.67 6.79
C ALA A 90 -11.95 16.71 6.02
N ASN A 91 -10.82 16.37 6.66
CA ASN A 91 -9.52 16.38 5.97
C ASN A 91 -9.04 14.98 5.56
N ILE A 92 -9.92 13.98 5.64
CA ILE A 92 -9.62 12.63 5.15
C ILE A 92 -10.21 12.53 3.73
N LEU A 93 -9.47 11.91 2.80
CA LEU A 93 -9.95 11.76 1.43
C LEU A 93 -10.45 10.35 1.16
N ILE A 94 -11.63 10.23 0.55
CA ILE A 94 -12.16 8.97 0.04
C ILE A 94 -11.94 9.02 -1.49
N ALA A 95 -11.32 7.95 -2.05
CA ALA A 95 -11.05 7.85 -3.49
C ALA A 95 -11.65 6.55 -4.06
N VAL A 96 -12.68 6.65 -4.92
CA VAL A 96 -13.31 5.45 -5.49
C VAL A 96 -12.65 5.20 -6.85
N ASN A 97 -12.05 4.02 -7.05
CA ASN A 97 -11.36 3.68 -8.29
C ASN A 97 -12.29 3.80 -9.50
N PRO A 98 -12.00 4.70 -10.48
CA PRO A 98 -12.87 4.77 -11.67
C PRO A 98 -12.70 3.64 -12.67
N TYR A 99 -11.53 3.00 -12.67
CA TYR A 99 -11.19 1.94 -13.64
C TYR A 99 -11.19 2.43 -15.10
N PHE A 100 -10.94 3.75 -15.31
CA PHE A 100 -10.77 4.37 -16.64
C PHE A 100 -10.13 5.72 -16.41
N ASP A 101 -9.48 6.27 -17.42
CA ASP A 101 -8.83 7.57 -17.27
C ASP A 101 -9.81 8.69 -17.42
N ILE A 102 -10.10 9.41 -16.33
CA ILE A 102 -11.01 10.56 -16.40
C ILE A 102 -10.20 11.70 -17.02
N PRO A 103 -10.66 12.24 -18.17
CA PRO A 103 -9.85 13.27 -18.86
C PRO A 103 -9.54 14.52 -18.07
N LYS A 104 -8.30 15.01 -18.22
CA LYS A 104 -7.77 16.26 -17.69
C LYS A 104 -7.67 16.46 -16.17
N ILE A 105 -8.20 15.52 -15.33
CA ILE A 105 -8.18 15.68 -13.88
C ILE A 105 -6.80 15.58 -13.23
N TYR A 106 -5.81 15.05 -13.95
CA TYR A 106 -4.43 14.96 -13.48
C TYR A 106 -3.50 15.79 -14.35
N SER A 107 -4.04 16.77 -15.08
CA SER A 107 -3.22 17.61 -15.98
C SER A 107 -2.32 18.58 -15.21
N SER A 108 -1.27 19.08 -15.90
CA SER A 108 -0.34 20.10 -15.40
C SER A 108 -1.12 21.35 -14.99
N GLU A 109 -2.18 21.69 -15.75
CA GLU A 109 -3.09 22.79 -15.49
C GLU A 109 -3.90 22.52 -14.22
N THR A 110 -4.39 21.28 -14.04
CA THR A 110 -5.12 20.92 -12.81
C THR A 110 -4.14 21.01 -11.62
N ILE A 111 -2.89 20.54 -11.81
CA ILE A 111 -1.85 20.60 -10.76
C ILE A 111 -1.66 22.05 -10.30
N LYS A 112 -1.47 22.99 -11.24
CA LYS A 112 -1.27 24.40 -10.92
C LYS A 112 -2.44 25.02 -10.19
N SER A 113 -3.69 24.59 -10.51
CA SER A 113 -4.91 25.15 -9.88
C SER A 113 -5.07 24.79 -8.40
N TYR A 114 -4.37 23.75 -7.93
CA TYR A 114 -4.45 23.29 -6.52
C TYR A 114 -3.37 23.90 -5.63
N GLN A 115 -2.32 24.50 -6.23
CA GLN A 115 -1.17 25.02 -5.50
C GLN A 115 -1.54 26.15 -4.58
N GLY A 116 -1.30 25.94 -3.29
CA GLY A 116 -1.53 26.92 -2.25
C GLY A 116 -3.00 27.13 -1.93
N LYS A 117 -3.92 26.35 -2.55
CA LYS A 117 -5.36 26.49 -2.27
C LYS A 117 -5.71 25.78 -0.96
N SER A 118 -6.53 26.41 -0.11
CA SER A 118 -6.96 25.81 1.13
C SER A 118 -7.87 24.63 0.82
N LEU A 119 -7.96 23.63 1.74
CA LEU A 119 -8.90 22.52 1.58
C LEU A 119 -10.34 23.10 1.51
N GLY A 120 -11.16 22.59 0.59
CA GLY A 120 -12.53 23.06 0.40
C GLY A 120 -12.68 24.17 -0.64
N THR A 121 -11.59 24.92 -0.93
CA THR A 121 -11.59 26.02 -1.91
C THR A 121 -11.71 25.42 -3.30
N MET A 122 -11.01 24.29 -3.53
CA MET A 122 -11.06 23.57 -4.80
C MET A 122 -11.85 22.27 -4.57
N PRO A 123 -12.43 21.66 -5.64
CA PRO A 123 -13.13 20.36 -5.48
C PRO A 123 -12.20 19.30 -4.87
N PRO A 124 -12.75 18.27 -4.17
CA PRO A 124 -11.87 17.28 -3.52
C PRO A 124 -10.94 16.62 -4.52
N HIS A 125 -9.69 16.39 -4.13
CA HIS A 125 -8.68 15.83 -5.03
C HIS A 125 -7.50 15.36 -4.22
N VAL A 126 -6.79 14.34 -4.75
CA VAL A 126 -5.57 13.84 -4.19
C VAL A 126 -4.55 15.00 -4.14
N PHE A 127 -4.58 15.91 -5.12
CA PHE A 127 -3.65 17.07 -5.18
C PHE A 127 -3.82 17.98 -3.98
N ALA A 128 -5.06 18.11 -3.49
CA ALA A 128 -5.35 18.99 -2.34
C ALA A 128 -4.80 18.35 -1.06
N ILE A 129 -4.85 17.00 -0.95
CA ILE A 129 -4.29 16.32 0.23
C ILE A 129 -2.77 16.51 0.20
N ALA A 130 -2.18 16.37 -0.99
CA ALA A 130 -0.75 16.56 -1.19
C ALA A 130 -0.36 18.01 -0.84
N ASP A 131 -1.14 19.01 -1.34
CA ASP A 131 -0.84 20.42 -1.06
C ASP A 131 -0.93 20.76 0.42
N LYS A 132 -1.94 20.21 1.10
CA LYS A 132 -2.17 20.41 2.53
C LYS A 132 -0.97 19.89 3.32
N ALA A 133 -0.42 18.71 2.95
CA ALA A 133 0.76 18.12 3.59
C ALA A 133 1.92 19.04 3.42
N PHE A 134 2.15 19.58 2.22
CA PHE A 134 3.24 20.52 1.93
C PHE A 134 3.12 21.80 2.76
N ARG A 135 1.90 22.37 2.80
CA ARG A 135 1.64 23.61 3.54
C ARG A 135 1.87 23.40 5.04
N ASP A 136 1.43 22.26 5.59
CA ASP A 136 1.63 21.91 7.01
C ASP A 136 3.11 21.72 7.30
N MET A 137 3.80 21.04 6.38
CA MET A 137 5.23 20.83 6.46
C MET A 137 5.97 22.18 6.60
N LYS A 138 5.76 23.10 5.65
CA LYS A 138 6.41 24.42 5.62
C LYS A 138 6.05 25.32 6.83
N VAL A 139 4.74 25.39 7.18
CA VAL A 139 4.22 26.22 8.29
C VAL A 139 4.60 25.68 9.67
N LEU A 140 4.37 24.39 9.90
CA LEU A 140 4.68 23.80 11.19
C LEU A 140 6.13 23.39 11.34
N LYS A 141 6.91 23.38 10.23
CA LYS A 141 8.32 22.94 10.17
C LYS A 141 8.43 21.49 10.69
N LEU A 142 7.50 20.66 10.21
CA LEU A 142 7.35 19.28 10.65
C LEU A 142 7.11 18.39 9.43
N SER A 143 7.90 17.30 9.31
CA SER A 143 7.74 16.28 8.25
C SER A 143 6.35 15.65 8.29
N GLN A 144 5.90 15.14 7.13
CA GLN A 144 4.54 14.66 6.98
C GLN A 144 4.45 13.32 6.30
N SER A 145 3.42 12.55 6.64
N SER A 145 3.43 12.55 6.64
CA SER A 145 3.17 11.28 5.99
CA SER A 145 3.18 11.27 5.97
C SER A 145 1.78 11.29 5.39
C SER A 145 1.77 11.25 5.41
N ILE A 146 1.62 10.66 4.23
CA ILE A 146 0.34 10.52 3.54
C ILE A 146 0.20 9.01 3.45
N ILE A 147 -0.80 8.48 4.13
CA ILE A 147 -1.08 7.05 4.16
C ILE A 147 -2.21 6.74 3.23
N VAL A 148 -1.91 5.93 2.22
CA VAL A 148 -2.89 5.55 1.22
C VAL A 148 -3.30 4.11 1.43
N SER A 149 -4.55 3.89 1.85
CA SER A 149 -5.01 2.55 2.20
C SER A 149 -6.14 2.05 1.34
N GLY A 150 -6.41 0.75 1.46
CA GLY A 150 -7.50 0.11 0.73
C GLY A 150 -7.20 -1.29 0.28
N GLU A 151 -8.22 -1.98 -0.22
CA GLU A 151 -8.13 -3.36 -0.73
C GLU A 151 -7.23 -3.40 -1.95
N SER A 152 -6.85 -4.60 -2.36
CA SER A 152 -6.03 -4.83 -3.54
C SER A 152 -6.87 -4.37 -4.74
N GLY A 153 -6.26 -3.54 -5.59
CA GLY A 153 -6.90 -2.93 -6.76
C GLY A 153 -7.80 -1.75 -6.47
N ALA A 154 -7.78 -1.20 -5.23
CA ALA A 154 -8.57 0.00 -4.86
C ALA A 154 -8.02 1.33 -5.40
N GLY A 155 -6.71 1.39 -5.65
CA GLY A 155 -6.06 2.58 -6.22
C GLY A 155 -4.97 3.22 -5.38
N LYS A 156 -4.37 2.44 -4.43
CA LYS A 156 -3.31 2.98 -3.56
C LYS A 156 -2.05 3.40 -4.36
N THR A 157 -1.59 2.54 -5.26
CA THR A 157 -0.41 2.84 -6.12
C THR A 157 -0.65 4.03 -7.06
N GLU A 158 -1.82 4.05 -7.71
CA GLU A 158 -2.12 5.17 -8.62
C GLU A 158 -2.17 6.49 -7.83
N ASN A 159 -2.83 6.50 -6.66
CA ASN A 159 -2.91 7.75 -5.85
C ASN A 159 -1.56 8.21 -5.28
N THR A 160 -0.70 7.24 -4.90
CA THR A 160 0.68 7.50 -4.46
C THR A 160 1.43 8.24 -5.57
N LYS A 161 1.34 7.71 -6.81
CA LYS A 161 1.98 8.30 -7.96
C LYS A 161 1.46 9.71 -8.26
N PHE A 162 0.14 9.97 -8.13
CA PHE A 162 -0.43 11.31 -8.33
C PHE A 162 0.11 12.29 -7.28
N VAL A 163 0.24 11.85 -6.00
CA VAL A 163 0.79 12.65 -4.91
C VAL A 163 2.24 13.02 -5.24
N LEU A 164 3.04 12.03 -5.68
CA LEU A 164 4.47 12.26 -5.98
C LEU A 164 4.66 13.19 -7.14
N ARG A 165 3.84 13.00 -8.20
CA ARG A 165 3.87 13.83 -9.38
C ARG A 165 3.43 15.25 -9.03
N TYR A 166 2.37 15.39 -8.21
CA TYR A 166 1.93 16.74 -7.82
C TYR A 166 3.04 17.49 -7.10
N LEU A 167 3.63 16.86 -6.07
CA LEU A 167 4.68 17.49 -5.26
C LEU A 167 5.95 17.86 -6.05
N THR A 168 6.50 16.92 -6.83
CA THR A 168 7.71 17.14 -7.63
C THR A 168 7.49 18.22 -8.73
N GLU A 169 6.32 18.20 -9.37
CA GLU A 169 5.99 19.18 -10.39
C GLU A 169 5.74 20.58 -9.80
N SER A 170 5.14 20.64 -8.61
CA SER A 170 4.83 21.93 -8.01
C SER A 170 5.97 22.54 -7.27
N TYR A 171 6.71 21.73 -6.51
CA TYR A 171 7.70 22.22 -5.57
C TYR A 171 9.14 21.81 -5.84
N GLY A 172 9.36 21.29 -7.03
CA GLY A 172 10.70 20.97 -7.53
C GLY A 172 11.38 22.23 -8.02
N THR A 173 12.48 22.09 -8.78
CA THR A 173 13.22 23.25 -9.30
C THR A 173 13.06 23.49 -10.80
N GLY A 174 12.55 22.49 -11.52
CA GLY A 174 12.40 22.53 -12.97
C GLY A 174 13.58 21.87 -13.65
N GLN A 175 14.30 21.02 -12.88
CA GLN A 175 15.49 20.27 -13.30
C GLN A 175 15.19 18.78 -13.52
N ASP A 176 16.19 18.03 -14.02
CA ASP A 176 16.11 16.59 -14.30
C ASP A 176 15.72 15.74 -13.09
N ILE A 177 16.27 16.08 -11.91
CA ILE A 177 16.03 15.35 -10.65
C ILE A 177 14.56 15.30 -10.20
N ASP A 178 13.73 16.31 -10.59
CA ASP A 178 12.29 16.38 -10.24
C ASP A 178 11.53 15.26 -10.94
N ASP A 179 11.88 15.01 -12.20
CA ASP A 179 11.29 13.96 -13.00
C ASP A 179 11.75 12.58 -12.51
N ARG A 180 12.94 12.50 -11.83
CA ARG A 180 13.53 11.23 -11.36
C ARG A 180 12.69 10.47 -10.37
N ILE A 181 12.17 11.15 -9.36
CA ILE A 181 11.29 10.55 -8.37
C ILE A 181 10.05 9.94 -9.08
N VAL A 182 9.55 10.62 -10.11
CA VAL A 182 8.39 10.17 -10.88
C VAL A 182 8.78 9.01 -11.82
N GLU A 183 9.91 9.14 -12.53
CA GLU A 183 10.40 8.12 -13.45
C GLU A 183 10.88 6.84 -12.78
N ALA A 184 11.12 6.88 -11.47
CA ALA A 184 11.56 5.72 -10.70
C ALA A 184 10.49 4.62 -10.63
N ASN A 185 9.19 4.98 -10.60
CA ASN A 185 8.08 4.02 -10.49
C ASN A 185 7.99 2.96 -11.62
N PRO A 186 8.04 3.29 -12.95
CA PRO A 186 7.99 2.21 -13.97
C PRO A 186 9.11 1.18 -13.84
N LEU A 187 10.20 1.60 -13.20
CA LEU A 187 11.32 0.73 -12.94
C LEU A 187 10.99 -0.19 -11.78
N LEU A 188 10.46 0.35 -10.67
CA LEU A 188 10.12 -0.48 -9.50
C LEU A 188 8.99 -1.44 -9.78
N GLU A 189 7.99 -0.95 -10.51
CA GLU A 189 6.83 -1.75 -10.89
C GLU A 189 7.20 -2.89 -11.84
N ALA A 190 8.20 -2.66 -12.72
CA ALA A 190 8.62 -3.71 -13.63
C ALA A 190 9.13 -4.95 -12.81
N PHE A 191 9.89 -4.68 -11.71
CA PHE A 191 10.47 -5.74 -10.88
C PHE A 191 9.65 -6.17 -9.66
N GLY A 192 8.71 -5.34 -9.23
CA GLY A 192 7.92 -5.65 -8.04
C GLY A 192 6.42 -5.77 -8.21
N ASN A 193 5.92 -5.52 -9.40
CA ASN A 193 4.48 -5.66 -9.64
C ASN A 193 4.18 -6.85 -10.54
N ALA A 194 3.00 -7.43 -10.40
CA ALA A 194 2.60 -8.60 -11.18
C ALA A 194 1.07 -8.69 -11.35
N LYS A 195 0.62 -9.42 -12.35
CA LYS A 195 -0.80 -9.65 -12.57
C LYS A 195 -1.31 -10.67 -11.54
N THR A 196 -2.33 -10.29 -10.75
CA THR A 196 -3.01 -11.17 -9.80
C THR A 196 -4.46 -11.17 -10.17
N VAL A 197 -5.26 -12.08 -9.59
CA VAL A 197 -6.70 -12.12 -9.86
C VAL A 197 -7.37 -10.78 -9.47
N ARG A 198 -6.88 -10.08 -8.45
CA ARG A 198 -7.54 -8.84 -8.02
C ARG A 198 -7.02 -7.56 -8.67
N ASN A 199 -5.81 -7.58 -9.20
CA ASN A 199 -5.25 -6.37 -9.80
C ASN A 199 -4.24 -6.78 -10.88
N ASN A 200 -4.42 -6.32 -12.13
CA ASN A 200 -3.46 -6.58 -13.22
C ASN A 200 -2.08 -6.00 -12.88
N ASN A 201 -2.06 -4.94 -12.05
CA ASN A 201 -0.80 -4.28 -11.69
C ASN A 201 -0.61 -4.30 -10.19
N SER A 202 -0.80 -5.46 -9.59
CA SER A 202 -0.71 -5.60 -8.13
C SER A 202 0.73 -5.37 -7.68
N SER A 203 0.90 -4.58 -6.60
CA SER A 203 2.19 -4.35 -5.94
C SER A 203 2.52 -5.60 -5.14
N ARG A 204 3.68 -6.24 -5.40
CA ARG A 204 4.05 -7.44 -4.62
C ARG A 204 5.11 -7.13 -3.55
N PHE A 205 5.22 -5.85 -3.21
CA PHE A 205 6.09 -5.32 -2.18
C PHE A 205 5.38 -4.09 -1.63
N GLY A 206 5.74 -3.68 -0.42
CA GLY A 206 5.19 -2.47 0.17
C GLY A 206 6.21 -1.36 0.04
N LYS A 207 5.80 -0.10 0.13
CA LYS A 207 6.76 1.00 0.02
C LYS A 207 6.37 2.24 0.76
N PHE A 208 7.39 2.98 1.14
CA PHE A 208 7.31 4.29 1.76
C PHE A 208 8.25 5.15 0.97
N VAL A 209 7.69 6.11 0.22
CA VAL A 209 8.45 6.99 -0.67
C VAL A 209 8.49 8.37 -0.03
N GLU A 210 9.70 8.86 0.26
CA GLU A 210 9.84 10.17 0.89
C GLU A 210 10.42 11.15 -0.09
N ILE A 211 9.85 12.35 -0.14
CA ILE A 211 10.38 13.43 -0.94
C ILE A 211 10.98 14.36 0.12
N HIS A 212 12.27 14.59 0.04
CA HIS A 212 12.98 15.43 0.99
C HIS A 212 13.10 16.85 0.45
N PHE A 213 12.94 17.83 1.35
CA PHE A 213 12.98 19.25 1.06
C PHE A 213 14.04 19.98 1.85
N ASN A 214 14.60 21.06 1.28
CA ASN A 214 15.54 21.92 2.00
C ASN A 214 14.75 22.95 2.84
N GLU A 215 15.46 23.90 3.52
CA GLU A 215 14.83 24.93 4.36
C GLU A 215 13.85 25.83 3.60
N LYS A 216 14.07 26.05 2.30
CA LYS A 216 13.19 26.87 1.47
C LYS A 216 11.94 26.08 0.96
N SER A 217 11.75 24.83 1.44
CA SER A 217 10.67 23.92 1.06
C SER A 217 10.68 23.59 -0.44
N SER A 218 11.88 23.37 -0.95
CA SER A 218 12.12 22.99 -2.34
C SER A 218 12.70 21.56 -2.31
N VAL A 219 12.23 20.69 -3.23
CA VAL A 219 12.68 19.30 -3.37
C VAL A 219 14.22 19.19 -3.56
N VAL A 220 14.90 18.43 -2.67
CA VAL A 220 16.36 18.15 -2.80
C VAL A 220 16.64 16.67 -3.22
N GLY A 221 15.64 15.82 -3.11
CA GLY A 221 15.78 14.42 -3.50
C GLY A 221 14.75 13.54 -2.83
N GLY A 222 14.95 12.24 -2.94
CA GLY A 222 14.02 11.27 -2.38
C GLY A 222 14.67 10.05 -1.77
N PHE A 223 13.83 9.23 -1.14
CA PHE A 223 14.27 7.96 -0.58
C PHE A 223 13.12 6.97 -0.59
N VAL A 224 13.36 5.76 -1.16
CA VAL A 224 12.37 4.69 -1.21
C VAL A 224 12.72 3.55 -0.24
N SER A 225 11.79 3.22 0.67
CA SER A 225 11.89 2.02 1.51
C SER A 225 10.97 0.95 0.88
N HIS A 226 11.44 -0.29 0.77
CA HIS A 226 10.70 -1.41 0.17
C HIS A 226 10.55 -2.53 1.17
N TYR A 227 9.38 -3.18 1.18
CA TYR A 227 9.10 -4.21 2.16
C TYR A 227 8.52 -5.46 1.52
N LEU A 228 8.95 -6.64 2.03
CA LEU A 228 8.36 -7.94 1.74
C LEU A 228 8.08 -8.28 0.30
N LEU A 229 9.08 -8.14 -0.59
CA LEU A 229 8.86 -8.54 -1.96
C LEU A 229 8.40 -10.02 -1.95
N GLU A 230 7.32 -10.37 -2.63
CA GLU A 230 6.82 -11.75 -2.66
C GLU A 230 7.78 -12.70 -3.46
N LYS A 231 8.42 -13.61 -2.76
CA LYS A 231 9.37 -14.52 -3.39
C LYS A 231 8.73 -15.71 -4.06
N SER A 232 7.65 -16.26 -3.50
CA SER A 232 6.98 -17.45 -4.06
C SER A 232 6.59 -17.27 -5.55
N ARG A 233 6.17 -16.04 -5.92
CA ARG A 233 5.78 -15.61 -7.28
C ARG A 233 6.86 -15.88 -8.33
N ILE A 234 8.14 -15.76 -7.95
CA ILE A 234 9.28 -15.90 -8.84
C ILE A 234 9.31 -17.26 -9.55
N CYS A 235 8.80 -18.31 -8.91
CA CYS A 235 8.88 -19.68 -9.45
C CYS A 235 7.60 -20.30 -9.95
N VAL A 236 6.44 -19.94 -9.37
CA VAL A 236 5.17 -20.54 -9.78
C VAL A 236 4.05 -19.53 -9.54
N GLN A 237 3.02 -19.57 -10.38
CA GLN A 237 1.85 -18.69 -10.27
C GLN A 237 0.64 -19.55 -10.62
N GLY A 238 -0.54 -19.11 -10.19
CA GLY A 238 -1.82 -19.72 -10.54
C GLY A 238 -2.12 -19.34 -11.98
N LYS A 239 -2.89 -20.18 -12.72
CA LYS A 239 -3.17 -19.98 -14.14
C LYS A 239 -3.71 -18.62 -14.58
N GLU A 240 -4.32 -17.85 -13.67
CA GLU A 240 -4.85 -16.53 -13.99
C GLU A 240 -3.88 -15.40 -13.65
N GLU A 241 -2.74 -15.73 -13.05
CA GLU A 241 -1.79 -14.73 -12.59
C GLU A 241 -0.47 -14.80 -13.38
N ARG A 242 0.39 -13.80 -13.19
CA ARG A 242 1.69 -13.85 -13.85
C ARG A 242 2.78 -13.61 -12.86
N ASN A 243 4.00 -13.86 -13.32
CA ASN A 243 5.22 -13.54 -12.60
C ASN A 243 5.38 -12.00 -12.74
N TYR A 244 6.45 -11.46 -12.20
CA TYR A 244 6.77 -10.03 -12.27
C TYR A 244 6.72 -9.52 -13.73
N HIS A 245 6.24 -8.26 -13.93
CA HIS A 245 6.06 -7.68 -15.26
C HIS A 245 7.31 -7.73 -16.12
N ILE A 246 8.49 -7.49 -15.51
CA ILE A 246 9.79 -7.50 -16.20
C ILE A 246 9.96 -8.67 -17.17
N PHE A 247 9.58 -9.88 -16.76
CA PHE A 247 9.74 -11.06 -17.60
C PHE A 247 8.98 -10.95 -18.92
N TYR A 248 7.73 -10.42 -18.87
CA TYR A 248 6.85 -10.27 -20.02
C TYR A 248 7.19 -9.03 -20.83
N ARG A 249 7.61 -7.93 -20.17
CA ARG A 249 8.05 -6.69 -20.86
C ARG A 249 9.28 -7.03 -21.67
N LEU A 250 10.16 -7.85 -21.10
CA LEU A 250 11.37 -8.28 -21.77
C LEU A 250 11.09 -9.20 -22.95
N CYS A 251 10.26 -10.24 -22.76
CA CYS A 251 9.93 -11.17 -23.83
C CYS A 251 9.19 -10.44 -24.97
N ALA A 252 8.26 -9.54 -24.62
CA ALA A 252 7.46 -8.81 -25.62
C ALA A 252 8.21 -7.70 -26.38
N GLY A 253 9.04 -6.96 -25.65
CA GLY A 253 9.69 -5.77 -26.15
C GLY A 253 11.15 -5.80 -26.50
N ALA A 254 11.94 -6.79 -26.03
CA ALA A 254 13.37 -6.80 -26.32
C ALA A 254 13.66 -6.84 -27.80
N SER A 255 14.75 -6.17 -28.24
CA SER A 255 15.18 -6.21 -29.63
C SER A 255 15.57 -7.63 -29.91
N GLU A 256 15.61 -8.02 -31.18
CA GLU A 256 16.06 -9.36 -31.56
C GLU A 256 17.50 -9.65 -31.10
N ASP A 257 18.38 -8.62 -31.11
CA ASP A 257 19.78 -8.73 -30.63
C ASP A 257 19.79 -9.17 -29.15
N ILE A 258 18.97 -8.51 -28.29
CA ILE A 258 18.85 -8.86 -26.88
C ILE A 258 18.21 -10.26 -26.75
N ARG A 259 17.15 -10.51 -27.54
CA ARG A 259 16.47 -11.79 -27.50
C ARG A 259 17.47 -12.92 -27.76
N GLU A 260 18.33 -12.76 -28.78
CA GLU A 260 19.33 -13.75 -29.15
C GLU A 260 20.37 -13.92 -28.05
N ARG A 261 20.92 -12.78 -27.54
CA ARG A 261 21.96 -12.75 -26.49
C ARG A 261 21.48 -13.42 -25.19
N LEU A 262 20.19 -13.22 -24.86
CA LEU A 262 19.62 -13.75 -23.60
C LEU A 262 18.93 -15.08 -23.75
N HIS A 263 18.85 -15.60 -24.98
CA HIS A 263 18.22 -16.87 -25.37
C HIS A 263 16.76 -16.89 -24.92
N LEU A 264 16.09 -15.78 -25.17
CA LEU A 264 14.69 -15.67 -24.80
C LEU A 264 13.86 -16.28 -25.89
N SER A 265 12.63 -16.60 -25.55
CA SER A 265 11.62 -17.16 -26.46
C SER A 265 10.28 -16.78 -25.87
N SER A 266 9.20 -17.31 -26.42
CA SER A 266 7.84 -17.02 -25.94
C SER A 266 7.68 -17.55 -24.50
N PRO A 267 6.87 -16.89 -23.64
CA PRO A 267 6.83 -17.28 -22.21
C PRO A 267 6.43 -18.72 -21.85
N ASP A 268 5.74 -19.42 -22.76
CA ASP A 268 5.33 -20.83 -22.53
C ASP A 268 6.56 -21.77 -22.43
N ASN A 269 7.74 -21.33 -22.92
CA ASN A 269 8.98 -22.11 -22.88
C ASN A 269 9.75 -22.03 -21.56
N PHE A 270 9.20 -21.33 -20.53
CA PHE A 270 9.89 -21.18 -19.24
C PHE A 270 8.98 -21.63 -18.11
N ARG A 271 9.45 -22.62 -17.32
CA ARG A 271 8.74 -23.16 -16.14
C ARG A 271 8.36 -22.04 -15.16
N TYR A 272 9.23 -21.02 -15.02
CA TYR A 272 8.96 -19.90 -14.08
C TYR A 272 7.84 -18.95 -14.55
N LEU A 273 7.32 -19.16 -15.77
CA LEU A 273 6.24 -18.37 -16.35
C LEU A 273 5.07 -19.22 -16.81
N ASN A 274 5.33 -20.48 -17.22
CA ASN A 274 4.33 -21.27 -17.89
C ASN A 274 3.24 -21.94 -17.08
N ARG A 275 3.24 -21.82 -15.73
CA ARG A 275 2.15 -22.34 -14.91
C ARG A 275 1.11 -21.21 -14.81
N GLY A 276 1.56 -19.99 -15.02
CA GLY A 276 0.72 -18.81 -14.97
C GLY A 276 0.15 -18.48 -16.33
N CYS A 277 -0.39 -17.28 -16.47
CA CYS A 277 -0.93 -16.84 -17.73
C CYS A 277 0.29 -16.36 -18.59
N THR A 278 0.41 -16.86 -19.83
CA THR A 278 1.55 -16.53 -20.74
C THR A 278 1.21 -15.42 -21.78
N ARG A 279 0.04 -14.79 -21.63
CA ARG A 279 -0.43 -13.77 -22.55
C ARG A 279 0.09 -12.42 -22.14
N TYR A 280 0.26 -11.54 -23.13
CA TYR A 280 0.70 -10.17 -22.90
C TYR A 280 -0.49 -9.29 -22.78
N PHE A 281 -0.30 -8.18 -22.08
CA PHE A 281 -1.21 -7.03 -22.07
C PHE A 281 -0.89 -6.29 -23.37
N ALA A 282 -1.85 -6.17 -24.29
CA ALA A 282 -1.66 -5.47 -25.56
C ALA A 282 -3.03 -5.02 -26.11
N ASN A 283 -3.00 -4.12 -27.09
CA ASN A 283 -4.20 -3.66 -27.79
C ASN A 283 -3.92 -3.91 -29.29
N LYS A 284 -4.74 -3.40 -30.19
CA LYS A 284 -4.56 -3.67 -31.63
C LYS A 284 -3.23 -3.18 -32.17
N GLU A 285 -2.83 -1.97 -31.79
CA GLU A 285 -1.58 -1.35 -32.24
C GLU A 285 -0.33 -2.05 -31.69
N THR A 286 -0.28 -2.26 -30.36
CA THR A 286 0.87 -2.86 -29.68
C THR A 286 1.09 -4.31 -30.00
N ASP A 287 0.01 -5.05 -30.28
CA ASP A 287 0.14 -6.47 -30.65
C ASP A 287 0.94 -6.64 -31.94
N LYS A 288 0.75 -5.71 -32.89
CA LYS A 288 1.46 -5.69 -34.18
C LYS A 288 2.94 -5.34 -33.99
N GLN A 289 3.30 -4.77 -32.83
CA GLN A 289 4.68 -4.40 -32.51
C GLN A 289 5.44 -5.55 -31.85
N ILE A 290 4.71 -6.54 -31.31
CA ILE A 290 5.31 -7.70 -30.69
C ILE A 290 5.57 -8.71 -31.81
N LEU A 291 6.81 -9.18 -31.92
CA LEU A 291 7.16 -10.12 -32.99
C LEU A 291 6.49 -11.46 -32.78
N GLN A 292 6.21 -12.17 -33.88
CA GLN A 292 5.58 -13.48 -33.85
C GLN A 292 6.32 -14.47 -32.91
N ASN A 293 7.68 -14.52 -32.94
CA ASN A 293 8.45 -15.46 -32.10
C ASN A 293 8.34 -15.21 -30.55
N ARG A 294 7.63 -14.14 -30.14
CA ARG A 294 7.47 -13.82 -28.72
C ARG A 294 6.14 -14.31 -28.21
N LYS A 295 5.23 -14.69 -29.13
CA LYS A 295 3.85 -15.03 -28.73
C LYS A 295 3.64 -16.49 -28.39
N SER A 296 3.12 -16.76 -27.17
CA SER A 296 2.83 -18.14 -26.73
C SER A 296 1.63 -18.76 -27.49
N PRO A 297 1.47 -20.10 -27.59
CA PRO A 297 0.27 -20.68 -28.22
C PRO A 297 -1.04 -20.12 -27.64
N GLU A 298 -1.11 -19.90 -26.30
CA GLU A 298 -2.29 -19.37 -25.63
C GLU A 298 -2.57 -17.93 -26.10
N TYR A 299 -1.50 -17.12 -26.28
CA TYR A 299 -1.66 -15.75 -26.79
C TYR A 299 -2.23 -15.79 -28.23
N LEU A 300 -1.73 -16.70 -29.07
CA LEU A 300 -2.20 -16.85 -30.46
C LEU A 300 -3.65 -17.38 -30.58
N LYS A 301 -4.10 -18.16 -29.58
CA LYS A 301 -5.46 -18.71 -29.56
C LYS A 301 -6.43 -17.75 -28.89
N ALA A 302 -6.13 -17.31 -27.64
CA ALA A 302 -6.99 -16.44 -26.84
C ALA A 302 -6.85 -14.94 -27.08
N GLY A 303 -5.76 -14.51 -27.74
CA GLY A 303 -5.53 -13.09 -27.94
C GLY A 303 -4.94 -12.44 -26.69
N SER A 304 -4.74 -11.12 -26.74
CA SER A 304 -4.12 -10.39 -25.64
C SER A 304 -5.01 -10.20 -24.42
N LEU A 305 -4.36 -9.89 -23.29
CA LEU A 305 -5.01 -9.51 -22.05
C LEU A 305 -5.33 -8.03 -22.25
N LYS A 306 -6.47 -7.55 -21.75
CA LYS A 306 -6.81 -6.15 -21.92
C LYS A 306 -6.68 -5.38 -20.60
N ASP A 307 -6.14 -4.16 -20.65
CA ASP A 307 -6.02 -3.29 -19.49
C ASP A 307 -5.98 -1.85 -19.95
N PRO A 308 -6.61 -0.89 -19.24
CA PRO A 308 -6.51 0.52 -19.68
C PRO A 308 -5.14 1.14 -19.42
N LEU A 309 -4.36 0.57 -18.47
CA LEU A 309 -3.04 1.07 -18.11
C LEU A 309 -1.86 0.21 -18.66
N LEU A 310 -1.84 -1.09 -18.35
CA LEU A 310 -0.74 -1.96 -18.76
C LEU A 310 -0.69 -2.30 -20.24
N ASP A 311 0.52 -2.31 -20.78
CA ASP A 311 0.86 -2.71 -22.13
C ASP A 311 2.28 -3.24 -22.05
N ASP A 312 2.48 -4.55 -22.15
CA ASP A 312 3.84 -5.12 -22.01
C ASP A 312 4.87 -4.54 -22.96
N HIS A 313 4.54 -4.41 -24.25
CA HIS A 313 5.49 -3.82 -25.21
C HIS A 313 5.70 -2.30 -24.91
N GLY A 314 4.61 -1.55 -24.73
CA GLY A 314 4.70 -0.12 -24.45
C GLY A 314 5.43 0.16 -23.15
N ASP A 315 5.20 -0.68 -22.15
CA ASP A 315 5.84 -0.61 -20.84
C ASP A 315 7.30 -0.94 -20.88
N PHE A 316 7.73 -1.83 -21.78
CA PHE A 316 9.16 -2.11 -21.91
C PHE A 316 9.85 -0.84 -22.44
N ILE A 317 9.27 -0.19 -23.48
CA ILE A 317 9.82 1.05 -24.09
C ILE A 317 9.88 2.17 -23.02
N ARG A 318 8.78 2.37 -22.28
CA ARG A 318 8.68 3.39 -21.23
C ARG A 318 9.66 3.13 -20.06
N MET A 319 9.87 1.85 -19.72
CA MET A 319 10.83 1.45 -18.69
C MET A 319 12.27 1.82 -19.18
N CYS A 320 12.62 1.48 -20.43
CA CYS A 320 13.96 1.81 -20.98
C CYS A 320 14.22 3.32 -21.00
N THR A 321 13.18 4.10 -21.38
CA THR A 321 13.22 5.56 -21.37
C THR A 321 13.39 6.02 -19.91
N ALA A 322 12.65 5.41 -18.93
CA ALA A 322 12.75 5.75 -17.50
C ALA A 322 14.20 5.50 -17.02
N MET A 323 14.78 4.35 -17.38
CA MET A 323 16.16 3.97 -17.05
C MET A 323 17.16 5.02 -17.56
N LYS A 324 16.96 5.51 -18.80
CA LYS A 324 17.82 6.52 -19.40
C LYS A 324 17.72 7.86 -18.65
N LYS A 325 16.48 8.32 -18.40
CA LYS A 325 16.16 9.56 -17.68
C LYS A 325 16.76 9.60 -16.28
N ILE A 326 16.76 8.47 -15.56
CA ILE A 326 17.30 8.42 -14.20
C ILE A 326 18.83 8.32 -14.12
N GLY A 327 19.51 8.06 -15.24
CA GLY A 327 20.95 7.95 -15.27
C GLY A 327 21.57 6.57 -15.42
N LEU A 328 20.76 5.54 -15.68
CA LEU A 328 21.26 4.19 -15.92
C LEU A 328 21.85 4.10 -17.31
N ASP A 329 23.11 3.68 -17.41
CA ASP A 329 23.74 3.52 -18.72
C ASP A 329 23.29 2.19 -19.34
N ASP A 330 23.46 2.02 -20.66
CA ASP A 330 23.07 0.78 -21.34
C ASP A 330 23.67 -0.46 -20.70
N GLU A 331 24.93 -0.35 -20.21
CA GLU A 331 25.61 -1.46 -19.55
C GLU A 331 24.84 -1.93 -18.31
N GLU A 332 24.37 -0.99 -17.46
CA GLU A 332 23.61 -1.40 -16.30
C GLU A 332 22.27 -2.04 -16.66
N LYS A 333 21.57 -1.51 -17.69
CA LYS A 333 20.29 -2.03 -18.18
C LYS A 333 20.44 -3.49 -18.68
N LEU A 334 21.50 -3.78 -19.44
CA LEU A 334 21.76 -5.12 -19.94
C LEU A 334 22.17 -6.05 -18.81
N ASP A 335 22.92 -5.54 -17.79
CA ASP A 335 23.29 -6.31 -16.61
C ASP A 335 22.01 -6.81 -15.89
N LEU A 336 20.99 -5.93 -15.75
CA LEU A 336 19.72 -6.29 -15.12
C LEU A 336 18.99 -7.35 -15.91
N PHE A 337 18.95 -7.20 -17.25
CA PHE A 337 18.24 -8.11 -18.15
C PHE A 337 18.87 -9.46 -18.16
N ARG A 338 20.20 -9.50 -18.02
CA ARG A 338 20.97 -10.71 -18.02
C ARG A 338 20.66 -11.54 -16.77
N VAL A 339 20.52 -10.88 -15.61
CA VAL A 339 20.11 -11.57 -14.37
C VAL A 339 18.70 -12.15 -14.51
N VAL A 340 17.78 -11.35 -15.08
CA VAL A 340 16.38 -11.74 -15.30
C VAL A 340 16.32 -13.02 -16.14
N ALA A 341 17.06 -13.03 -17.26
CA ALA A 341 17.10 -14.17 -18.18
C ALA A 341 17.79 -15.36 -17.51
N GLY A 342 18.85 -15.08 -16.74
CA GLY A 342 19.58 -16.11 -16.00
C GLY A 342 18.65 -16.86 -15.05
N VAL A 343 17.74 -16.11 -14.36
CA VAL A 343 16.73 -16.70 -13.46
C VAL A 343 15.76 -17.53 -14.28
N LEU A 344 15.29 -17.03 -15.43
CA LEU A 344 14.40 -17.82 -16.29
C LEU A 344 15.02 -19.15 -16.71
N HIS A 345 16.29 -19.12 -17.19
CA HIS A 345 16.98 -20.34 -17.62
C HIS A 345 17.20 -21.32 -16.46
N LEU A 346 17.47 -20.80 -15.27
CA LEU A 346 17.65 -21.61 -14.05
C LEU A 346 16.40 -22.45 -13.80
N GLY A 347 15.23 -21.84 -13.92
CA GLY A 347 13.96 -22.52 -13.72
C GLY A 347 13.69 -23.66 -14.66
N ASN A 348 14.36 -23.66 -15.83
CA ASN A 348 14.23 -24.72 -16.84
C ASN A 348 15.14 -25.90 -16.56
N ILE A 349 15.93 -25.82 -15.48
CA ILE A 349 16.78 -26.97 -15.11
C ILE A 349 15.94 -28.03 -14.39
N ASP A 350 15.81 -29.20 -15.04
CA ASP A 350 15.00 -30.30 -14.54
C ASP A 350 15.84 -31.43 -14.00
N PHE A 351 15.24 -32.22 -13.12
CA PHE A 351 15.85 -33.35 -12.43
C PHE A 351 15.06 -34.64 -12.53
N GLU A 352 15.78 -35.73 -12.58
CA GLU A 352 15.23 -37.08 -12.60
C GLU A 352 15.87 -37.88 -11.48
N GLU A 353 15.11 -38.81 -10.90
CA GLU A 353 15.58 -39.68 -9.81
C GLU A 353 16.77 -40.53 -10.24
N ALA A 354 17.66 -40.80 -9.28
CA ALA A 354 18.82 -41.67 -9.46
C ALA A 354 19.03 -42.45 -8.15
N GLY A 355 19.65 -43.61 -8.27
CA GLY A 355 19.91 -44.53 -7.16
C GLY A 355 18.89 -45.64 -7.10
N SER A 356 19.30 -46.85 -6.64
CA SER A 356 18.42 -48.01 -6.53
C SER A 356 17.21 -47.80 -5.60
N THR A 357 17.23 -46.78 -4.70
CA THR A 357 16.10 -46.45 -3.81
C THR A 357 15.64 -45.00 -4.03
N SER A 358 16.02 -44.43 -5.20
CA SER A 358 15.69 -43.07 -5.62
C SER A 358 16.11 -42.01 -4.59
N GLY A 359 17.25 -42.24 -3.95
CA GLY A 359 17.77 -41.32 -2.94
C GLY A 359 18.52 -40.14 -3.54
N GLY A 360 18.80 -40.20 -4.84
CA GLY A 360 19.52 -39.13 -5.50
C GLY A 360 18.80 -38.56 -6.69
N CYS A 361 19.58 -37.87 -7.55
CA CYS A 361 19.08 -37.25 -8.76
C CYS A 361 20.19 -36.92 -9.73
N ASN A 362 19.77 -36.69 -10.96
CA ASN A 362 20.56 -36.28 -12.08
C ASN A 362 19.78 -35.19 -12.78
N LEU A 363 20.48 -34.28 -13.40
CA LEU A 363 19.89 -33.29 -14.29
C LEU A 363 19.37 -34.10 -15.49
N LYS A 364 18.16 -33.82 -15.97
CA LYS A 364 17.62 -34.51 -17.15
C LYS A 364 18.49 -34.06 -18.32
N ASN A 365 18.75 -34.97 -19.28
CA ASN A 365 19.56 -34.66 -20.46
C ASN A 365 18.96 -33.50 -21.26
N LYS A 366 17.62 -33.37 -21.27
CA LYS A 366 16.92 -32.29 -21.98
C LYS A 366 17.12 -30.91 -21.33
N SER A 367 17.75 -30.86 -20.12
CA SER A 367 17.99 -29.62 -19.38
C SER A 367 19.41 -29.10 -19.63
N THR A 368 20.18 -29.78 -20.51
CA THR A 368 21.56 -29.41 -20.84
C THR A 368 21.71 -27.96 -21.29
N GLN A 369 20.87 -27.53 -22.25
CA GLN A 369 20.85 -26.16 -22.78
C GLN A 369 20.49 -25.12 -21.70
N ALA A 370 19.50 -25.43 -20.86
CA ALA A 370 19.06 -24.55 -19.76
C ALA A 370 20.24 -24.32 -18.82
N LEU A 371 20.97 -25.42 -18.45
CA LEU A 371 22.18 -25.38 -17.61
C LEU A 371 23.23 -24.46 -18.22
N GLU A 372 23.54 -24.66 -19.51
CA GLU A 372 24.53 -23.88 -20.26
C GLU A 372 24.16 -22.39 -20.30
N TYR A 373 22.91 -22.08 -20.68
CA TYR A 373 22.45 -20.70 -20.78
C TYR A 373 22.46 -20.02 -19.43
N CYS A 374 22.01 -20.74 -18.39
CA CYS A 374 21.96 -20.17 -17.05
C CYS A 374 23.38 -19.84 -16.55
N ALA A 375 24.31 -20.82 -16.61
CA ALA A 375 25.70 -20.62 -16.18
C ALA A 375 26.36 -19.45 -16.94
N GLU A 376 26.16 -19.38 -18.26
CA GLU A 376 26.69 -18.31 -19.10
C GLU A 376 26.15 -16.92 -18.62
N LEU A 377 24.82 -16.78 -18.47
CA LEU A 377 24.20 -15.52 -18.08
C LEU A 377 24.51 -15.08 -16.64
N LEU A 378 24.75 -16.05 -15.74
CA LEU A 378 25.07 -15.77 -14.32
C LEU A 378 26.58 -15.84 -13.97
N GLY A 379 27.42 -16.06 -14.99
CA GLY A 379 28.88 -16.14 -14.86
C GLY A 379 29.40 -17.29 -14.02
N LEU A 380 28.71 -18.42 -14.07
CA LEU A 380 29.05 -19.61 -13.29
C LEU A 380 29.64 -20.72 -14.13
N ASP A 381 30.39 -21.65 -13.53
CA ASP A 381 30.84 -22.83 -14.26
C ASP A 381 29.65 -23.81 -14.23
N GLN A 382 29.35 -24.44 -15.38
CA GLN A 382 28.23 -25.38 -15.55
C GLN A 382 28.29 -26.52 -14.52
N ASP A 383 29.50 -27.14 -14.32
CA ASP A 383 29.71 -28.26 -13.40
C ASP A 383 29.49 -27.88 -11.96
N ASP A 384 29.98 -26.71 -11.52
CA ASP A 384 29.75 -26.23 -10.16
C ASP A 384 28.26 -26.03 -9.91
N LEU A 385 27.55 -25.53 -10.92
CA LEU A 385 26.13 -25.27 -10.80
C LEU A 385 25.36 -26.59 -10.75
N ARG A 386 25.70 -27.53 -11.64
CA ARG A 386 25.07 -28.86 -11.68
C ARG A 386 25.28 -29.56 -10.32
N VAL A 387 26.52 -29.55 -9.81
CA VAL A 387 26.90 -30.13 -8.50
C VAL A 387 26.14 -29.53 -7.32
N SER A 388 26.10 -28.17 -7.18
CA SER A 388 25.44 -27.47 -6.06
C SER A 388 23.92 -27.71 -6.03
N LEU A 389 23.33 -27.95 -7.19
CA LEU A 389 21.90 -28.21 -7.28
C LEU A 389 21.57 -29.68 -7.06
N THR A 390 22.56 -30.57 -7.14
CA THR A 390 22.21 -32.00 -7.03
C THR A 390 22.81 -32.75 -5.84
N THR A 391 23.61 -32.05 -5.03
CA THR A 391 24.29 -32.62 -3.86
C THR A 391 24.21 -31.64 -2.71
N ARG A 392 24.52 -32.12 -1.49
CA ARG A 392 24.57 -31.32 -0.26
C ARG A 392 25.90 -31.59 0.43
N VAL A 393 26.61 -30.53 0.82
CA VAL A 393 27.87 -30.67 1.55
C VAL A 393 27.56 -30.62 3.06
N MET A 394 28.19 -31.50 3.84
CA MET A 394 27.97 -31.56 5.30
C MET A 394 29.12 -32.21 6.03
N THR A 404 30.20 -34.42 8.56
CA THR A 404 31.67 -34.29 8.57
C THR A 404 32.15 -33.40 7.40
N VAL A 405 32.76 -33.99 6.35
CA VAL A 405 33.20 -33.26 5.14
C VAL A 405 32.76 -34.00 3.83
N ILE A 406 31.48 -34.44 3.84
CA ILE A 406 30.85 -35.25 2.80
C ILE A 406 29.94 -34.48 1.82
N LYS A 407 29.92 -34.94 0.55
CA LYS A 407 29.08 -34.42 -0.53
C LYS A 407 28.01 -35.50 -0.77
N VAL A 408 26.77 -35.26 -0.25
CA VAL A 408 25.69 -36.25 -0.33
C VAL A 408 24.64 -35.97 -1.40
N PRO A 409 24.07 -37.02 -2.07
CA PRO A 409 23.07 -36.75 -3.13
C PRO A 409 21.79 -36.14 -2.61
N LEU A 410 21.16 -35.29 -3.44
CA LEU A 410 19.87 -34.74 -3.07
C LEU A 410 18.82 -35.54 -3.79
N LYS A 411 17.64 -35.69 -3.21
CA LYS A 411 16.49 -36.31 -3.88
C LYS A 411 15.95 -35.26 -4.87
N VAL A 412 15.17 -35.69 -5.89
CA VAL A 412 14.56 -34.77 -6.87
C VAL A 412 13.88 -33.54 -6.20
N GLU A 413 13.03 -33.77 -5.17
CA GLU A 413 12.31 -32.67 -4.50
C GLU A 413 13.26 -31.67 -3.86
N GLN A 414 14.37 -32.16 -3.33
CA GLN A 414 15.36 -31.29 -2.70
C GLN A 414 16.15 -30.49 -3.74
N ALA A 415 16.42 -31.07 -4.92
CA ALA A 415 17.13 -30.37 -5.99
C ALA A 415 16.22 -29.22 -6.53
N ASN A 416 14.90 -29.47 -6.70
CA ASN A 416 13.92 -28.48 -7.15
C ASN A 416 13.95 -27.30 -6.18
N ASN A 417 14.00 -27.62 -4.87
CA ASN A 417 14.05 -26.64 -3.79
C ASN A 417 15.35 -25.85 -3.82
N ALA A 418 16.49 -26.50 -4.08
CA ALA A 418 17.79 -25.79 -4.18
C ALA A 418 17.78 -24.78 -5.37
N ARG A 419 17.30 -25.22 -6.56
CA ARG A 419 17.20 -24.41 -7.77
C ARG A 419 16.32 -23.19 -7.47
N ASP A 420 15.12 -23.43 -6.90
CA ASP A 420 14.13 -22.38 -6.61
C ASP A 420 14.60 -21.39 -5.56
N ALA A 421 15.34 -21.86 -4.55
CA ALA A 421 15.89 -21.02 -3.48
C ALA A 421 16.94 -20.08 -4.07
N LEU A 422 17.79 -20.60 -4.98
CA LEU A 422 18.78 -19.78 -5.67
C LEU A 422 18.08 -18.74 -6.53
N ALA A 423 17.05 -19.17 -7.32
CA ALA A 423 16.29 -18.29 -8.21
C ALA A 423 15.67 -17.15 -7.42
N LYS A 424 14.98 -17.46 -6.30
CA LYS A 424 14.30 -16.44 -5.45
C LYS A 424 15.30 -15.50 -4.79
N THR A 425 16.43 -16.03 -4.34
CA THR A 425 17.43 -15.18 -3.69
C THR A 425 18.09 -14.23 -4.70
N VAL A 426 18.49 -14.77 -5.88
CA VAL A 426 19.10 -13.95 -6.94
C VAL A 426 18.11 -12.84 -7.35
N TYR A 427 16.85 -13.19 -7.58
CA TYR A 427 15.85 -12.21 -8.00
C TYR A 427 15.63 -11.15 -6.91
N SER A 428 15.51 -11.58 -5.65
CA SER A 428 15.29 -10.68 -4.51
C SER A 428 16.47 -9.71 -4.31
N HIS A 429 17.71 -10.22 -4.47
CA HIS A 429 18.91 -9.39 -4.45
C HIS A 429 18.93 -8.44 -5.62
N LEU A 430 18.43 -8.86 -6.80
CA LEU A 430 18.31 -7.95 -7.95
C LEU A 430 17.32 -6.79 -7.61
N PHE A 431 16.17 -7.13 -7.01
CA PHE A 431 15.17 -6.14 -6.60
C PHE A 431 15.80 -5.11 -5.62
N ASP A 432 16.55 -5.59 -4.59
CA ASP A 432 17.25 -4.72 -3.62
C ASP A 432 18.21 -3.78 -4.32
N HIS A 433 18.94 -4.28 -5.31
CA HIS A 433 19.87 -3.50 -6.11
C HIS A 433 19.12 -2.42 -6.88
N VAL A 434 18.02 -2.78 -7.55
CA VAL A 434 17.18 -1.82 -8.29
C VAL A 434 16.65 -0.69 -7.37
N VAL A 435 16.17 -1.04 -6.19
CA VAL A 435 15.65 0.00 -5.27
C VAL A 435 16.79 0.93 -4.81
N ASN A 436 17.94 0.32 -4.46
CA ASN A 436 19.10 1.10 -4.02
C ASN A 436 19.60 1.99 -5.15
N ARG A 437 19.60 1.46 -6.39
CA ARG A 437 20.02 2.20 -7.59
C ARG A 437 19.11 3.39 -7.84
N VAL A 438 17.80 3.23 -7.60
CA VAL A 438 16.83 4.34 -7.73
C VAL A 438 17.12 5.41 -6.63
N ASN A 439 17.42 4.97 -5.39
CA ASN A 439 17.79 5.91 -4.32
C ASN A 439 19.05 6.71 -4.66
N GLN A 440 19.99 6.08 -5.36
CA GLN A 440 21.24 6.70 -5.79
C GLN A 440 20.98 7.68 -6.94
N CYS A 441 19.83 7.60 -7.60
CA CYS A 441 19.56 8.52 -8.69
C CYS A 441 19.01 9.90 -8.18
N PHE A 442 18.49 9.95 -6.92
CA PHE A 442 17.99 11.20 -6.36
C PHE A 442 18.52 11.41 -4.93
N PRO A 443 19.86 11.32 -4.71
CA PRO A 443 20.40 11.45 -3.35
C PRO A 443 20.45 12.89 -2.87
N PHE A 444 20.66 13.04 -1.57
CA PHE A 444 20.74 14.32 -0.87
C PHE A 444 21.67 14.17 0.34
N GLU A 445 22.52 15.17 0.57
CA GLU A 445 23.45 15.20 1.70
C GLU A 445 22.63 15.47 2.97
N THR A 446 21.80 16.55 2.95
CA THR A 446 20.93 16.96 4.05
C THR A 446 19.54 17.35 3.52
N SER A 447 18.59 17.46 4.42
CA SER A 447 17.23 17.88 4.14
C SER A 447 16.69 18.44 5.45
N SER A 448 15.74 19.34 5.37
CA SER A 448 15.12 19.92 6.56
C SER A 448 13.91 19.06 6.95
N TYR A 449 13.12 18.61 5.96
CA TYR A 449 11.93 17.80 6.20
C TYR A 449 11.60 16.93 5.02
N PHE A 450 10.66 16.04 5.21
CA PHE A 450 10.18 15.23 4.13
C PHE A 450 8.67 15.11 4.14
N ILE A 451 8.13 14.64 3.01
CA ILE A 451 6.76 14.20 2.89
C ILE A 451 6.91 12.76 2.43
N GLY A 452 6.42 11.82 3.22
CA GLY A 452 6.50 10.40 2.93
C GLY A 452 5.13 9.88 2.56
N VAL A 453 5.05 8.99 1.55
CA VAL A 453 3.77 8.42 1.12
C VAL A 453 3.85 6.91 1.37
N LEU A 454 2.95 6.39 2.21
CA LEU A 454 2.86 4.97 2.55
C LEU A 454 1.90 4.24 1.61
N ASP A 455 2.39 3.21 0.93
CA ASP A 455 1.61 2.42 -0.05
C ASP A 455 1.87 0.95 0.25
N ILE A 456 1.07 0.36 1.13
CA ILE A 456 1.30 -1.03 1.50
C ILE A 456 -0.05 -1.77 1.61
N ALA A 457 -0.09 -3.06 1.20
CA ALA A 457 -1.27 -3.93 1.23
C ALA A 457 -1.83 -4.01 2.66
N GLY A 458 -3.15 -4.04 2.77
CA GLY A 458 -3.79 -4.17 4.06
C GLY A 458 -4.05 -5.62 4.42
N PHE A 459 -4.96 -5.81 5.37
CA PHE A 459 -5.43 -7.12 5.83
C PHE A 459 -6.04 -7.94 4.68
N GLU A 460 -5.62 -9.21 4.56
CA GLU A 460 -6.12 -10.08 3.52
C GLU A 460 -6.07 -11.53 3.94
N TYR A 461 -7.03 -12.30 3.44
CA TYR A 461 -7.15 -13.74 3.72
C TYR A 461 -7.70 -14.43 2.50
N PHE A 462 -7.34 -15.70 2.34
CA PHE A 462 -7.71 -16.54 1.20
C PHE A 462 -8.06 -17.91 1.72
N GLU A 463 -8.44 -18.86 0.83
CA GLU A 463 -8.73 -20.24 1.22
C GLU A 463 -7.51 -20.79 1.97
N HIS A 464 -6.30 -20.50 1.44
CA HIS A 464 -5.02 -20.92 2.00
C HIS A 464 -4.15 -19.71 2.33
N ASN A 465 -3.78 -19.57 3.60
CA ASN A 465 -2.92 -18.47 4.07
C ASN A 465 -1.59 -19.00 4.53
N SER A 466 -0.53 -18.46 3.95
CA SER A 466 0.85 -18.84 4.25
C SER A 466 1.61 -17.72 4.95
N PHE A 467 2.95 -17.77 4.95
CA PHE A 467 3.85 -16.83 5.63
C PHE A 467 3.74 -15.39 5.11
N GLU A 468 3.45 -15.23 3.81
CA GLU A 468 3.28 -13.92 3.18
C GLU A 468 2.06 -13.23 3.78
N GLN A 469 0.92 -13.96 3.96
CA GLN A 469 -0.29 -13.34 4.55
C GLN A 469 -0.04 -13.01 6.02
N PHE A 470 0.63 -13.91 6.75
CA PHE A 470 1.01 -13.75 8.14
C PHE A 470 1.78 -12.44 8.35
N CYS A 471 2.84 -12.14 7.55
CA CYS A 471 3.64 -10.92 7.68
C CYS A 471 2.81 -9.65 7.36
N ILE A 472 2.01 -9.70 6.30
CA ILE A 472 1.17 -8.56 5.91
C ILE A 472 0.06 -8.31 6.98
N ASN A 473 -0.56 -9.38 7.50
CA ASN A 473 -1.58 -9.20 8.53
C ASN A 473 -0.95 -8.73 9.84
N TYR A 474 0.34 -9.08 10.05
CA TYR A 474 1.09 -8.64 11.23
C TYR A 474 1.29 -7.13 11.07
N CYS A 475 1.76 -6.73 9.88
CA CYS A 475 1.98 -5.33 9.54
C CYS A 475 0.70 -4.55 9.75
N ASN A 476 -0.44 -5.12 9.32
CA ASN A 476 -1.74 -4.46 9.47
C ASN A 476 -2.12 -4.21 10.95
N GLU A 477 -1.83 -5.15 11.86
CA GLU A 477 -2.07 -4.97 13.31
C GLU A 477 -1.32 -3.74 13.80
N LYS A 478 0.00 -3.65 13.46
CA LYS A 478 0.83 -2.51 13.88
C LYS A 478 0.37 -1.18 13.31
N LEU A 479 0.00 -1.15 12.01
CA LEU A 479 -0.51 0.08 11.40
C LEU A 479 -1.88 0.43 11.92
N GLN A 480 -2.77 -0.56 12.14
CA GLN A 480 -4.11 -0.29 12.68
C GLN A 480 -3.99 0.39 14.05
N GLN A 481 -3.04 -0.08 14.87
CA GLN A 481 -2.75 0.50 16.18
C GLN A 481 -2.33 1.98 16.01
N PHE A 482 -1.43 2.27 15.05
CA PHE A 482 -1.01 3.65 14.78
C PHE A 482 -2.23 4.50 14.40
N PHE A 483 -3.09 3.95 13.50
CA PHE A 483 -4.33 4.63 13.08
C PHE A 483 -5.20 4.99 14.29
N ASN A 484 -5.42 4.03 15.20
CA ASN A 484 -6.22 4.26 16.42
C ASN A 484 -5.56 5.30 17.32
N GLU A 485 -4.22 5.25 17.45
CA GLU A 485 -3.50 6.18 18.33
C GLU A 485 -3.54 7.60 17.83
N ARG A 486 -3.45 7.76 16.51
CA ARG A 486 -3.46 9.06 15.88
C ARG A 486 -4.88 9.68 15.75
N ILE A 487 -5.81 8.94 15.14
CA ILE A 487 -7.17 9.40 14.85
C ILE A 487 -8.04 9.41 16.08
N LEU A 488 -7.91 8.41 16.96
CA LEU A 488 -8.78 8.34 18.13
C LEU A 488 -8.11 8.80 19.41
N LYS A 489 -6.98 8.18 19.79
CA LYS A 489 -6.37 8.48 21.06
C LYS A 489 -5.82 9.89 21.20
N GLU A 490 -4.87 10.26 20.36
CA GLU A 490 -4.19 11.56 20.42
C GLU A 490 -5.10 12.72 20.13
N GLU A 491 -6.02 12.55 19.18
CA GLU A 491 -7.00 13.57 18.83
C GLU A 491 -7.90 13.93 20.01
N GLN A 492 -8.49 12.91 20.65
CA GLN A 492 -9.40 13.10 21.76
C GLN A 492 -8.73 13.54 23.04
N GLU A 493 -7.46 13.15 23.25
CA GLU A 493 -6.68 13.58 24.41
C GLU A 493 -6.50 15.09 24.31
N LEU A 494 -6.34 15.61 23.07
CA LEU A 494 -6.21 17.05 22.82
C LEU A 494 -7.55 17.74 23.14
N TYR A 495 -8.69 17.21 22.62
CA TYR A 495 -10.02 17.77 22.85
C TYR A 495 -10.32 17.81 24.35
N GLN A 496 -9.98 16.73 25.09
CA GLN A 496 -10.17 16.61 26.54
C GLN A 496 -9.35 17.65 27.31
N LYS A 497 -8.03 17.74 27.02
CA LYS A 497 -7.12 18.69 27.68
C LYS A 497 -7.58 20.12 27.45
N GLU A 498 -8.22 20.38 26.31
CA GLU A 498 -8.72 21.71 25.95
C GLU A 498 -10.15 21.99 26.39
N GLY A 499 -10.82 20.99 26.96
CA GLY A 499 -12.17 21.13 27.50
C GLY A 499 -13.24 21.35 26.46
N LEU A 500 -13.10 20.68 25.29
CA LEU A 500 -14.04 20.84 24.16
C LEU A 500 -15.38 20.13 24.26
N GLY A 501 -15.49 19.17 25.16
CA GLY A 501 -16.71 18.38 25.35
C GLY A 501 -17.14 17.58 24.15
N VAL A 502 -16.17 16.97 23.41
CA VAL A 502 -16.45 16.13 22.25
C VAL A 502 -16.79 14.71 22.75
N ASN A 503 -17.91 14.12 22.25
CA ASN A 503 -18.30 12.75 22.62
C ASN A 503 -17.16 11.77 22.26
N GLU A 504 -16.77 10.94 23.21
CA GLU A 504 -15.68 10.00 23.11
C GLU A 504 -16.01 8.81 22.23
N VAL A 505 -15.09 8.47 21.33
CA VAL A 505 -15.17 7.27 20.51
C VAL A 505 -14.04 6.40 21.08
N HIS A 506 -14.38 5.22 21.60
CA HIS A 506 -13.40 4.31 22.16
C HIS A 506 -13.05 3.23 21.17
N TYR A 507 -11.96 2.52 21.44
CA TYR A 507 -11.49 1.38 20.66
C TYR A 507 -10.84 0.40 21.63
N VAL A 508 -10.77 -0.88 21.24
CA VAL A 508 -10.09 -1.91 22.00
C VAL A 508 -8.71 -2.02 21.38
N ASP A 509 -7.66 -1.80 22.17
CA ASP A 509 -6.28 -1.85 21.70
C ASP A 509 -5.92 -3.29 21.33
N ASN A 510 -5.01 -3.49 20.37
CA ASN A 510 -4.62 -4.83 19.91
C ASN A 510 -3.18 -5.20 20.30
N GLN A 511 -2.64 -4.64 21.41
CA GLN A 511 -1.28 -4.98 21.84
C GLN A 511 -1.12 -6.48 22.11
N ASP A 512 -2.19 -7.17 22.58
CA ASP A 512 -2.15 -8.61 22.86
C ASP A 512 -1.94 -9.43 21.56
N CYS A 513 -2.46 -8.95 20.42
CA CYS A 513 -2.26 -9.63 19.15
C CYS A 513 -0.87 -9.35 18.59
N ILE A 514 -0.37 -8.12 18.79
CA ILE A 514 0.96 -7.72 18.35
C ILE A 514 2.03 -8.50 19.15
N ASP A 515 1.89 -8.54 20.49
CA ASP A 515 2.80 -9.23 21.40
C ASP A 515 2.86 -10.71 21.05
N LEU A 516 1.70 -11.34 20.75
CA LEU A 516 1.57 -12.74 20.31
C LEU A 516 2.52 -13.03 19.12
N ILE A 517 2.54 -12.12 18.13
CA ILE A 517 3.37 -12.26 16.94
C ILE A 517 4.82 -11.89 17.23
N GLU A 518 5.08 -10.70 17.79
CA GLU A 518 6.41 -10.08 17.92
C GLU A 518 7.17 -10.04 19.25
N ALA A 519 6.60 -10.45 20.41
CA ALA A 519 7.33 -10.36 21.69
C ALA A 519 8.68 -11.08 21.64
N ARG A 520 9.69 -10.54 22.32
CA ARG A 520 11.02 -11.16 22.43
C ARG A 520 10.86 -12.54 23.10
N LEU A 521 11.61 -13.52 22.61
CA LEU A 521 11.64 -14.89 23.11
C LEU A 521 10.32 -15.71 22.90
N VAL A 522 9.18 -15.17 23.35
CA VAL A 522 7.86 -15.83 23.29
C VAL A 522 6.99 -15.55 22.07
N GLY A 523 7.30 -14.51 21.31
CA GLY A 523 6.50 -14.19 20.12
C GLY A 523 6.64 -15.25 19.04
N ILE A 524 5.67 -15.33 18.13
CA ILE A 524 5.71 -16.31 17.03
C ILE A 524 7.00 -16.14 16.17
N LEU A 525 7.42 -14.90 15.92
CA LEU A 525 8.60 -14.61 15.09
C LEU A 525 9.87 -15.17 15.72
N ASP A 526 10.00 -15.04 17.06
CA ASP A 526 11.14 -15.61 17.77
C ASP A 526 11.11 -17.13 17.86
N ILE A 527 9.91 -17.72 18.02
CA ILE A 527 9.75 -19.18 18.07
C ILE A 527 10.08 -19.77 16.68
N LEU A 528 9.75 -19.03 15.60
CA LEU A 528 10.04 -19.45 14.24
C LEU A 528 11.53 -19.41 13.97
N ASP A 529 12.20 -18.35 14.44
CA ASP A 529 13.65 -18.19 14.32
C ASP A 529 14.36 -19.33 15.05
N GLU A 530 13.82 -19.74 16.22
CA GLU A 530 14.35 -20.81 17.05
C GLU A 530 14.38 -22.07 16.20
N GLU A 531 13.27 -22.36 15.50
CA GLU A 531 13.16 -23.50 14.60
C GLU A 531 14.21 -23.50 13.50
N ASN A 532 14.44 -22.33 12.83
CA ASN A 532 15.45 -22.22 11.77
C ASN A 532 16.87 -22.55 12.26
N ARG A 533 17.15 -22.34 13.57
CA ARG A 533 18.46 -22.56 14.20
C ARG A 533 18.68 -24.00 14.70
N LEU A 534 17.58 -24.78 14.86
CA LEU A 534 17.57 -26.16 15.31
C LEU A 534 18.28 -27.13 14.34
N PRO A 535 18.90 -28.25 14.85
CA PRO A 535 19.61 -29.19 13.96
C PRO A 535 18.82 -29.67 12.74
N GLN A 536 17.53 -30.01 12.94
CA GLN A 536 16.62 -30.47 11.89
C GLN A 536 15.31 -29.69 11.97
N PRO A 537 15.28 -28.48 11.33
CA PRO A 537 14.08 -27.64 11.41
C PRO A 537 12.81 -28.30 10.89
N SER A 538 11.70 -28.04 11.57
CA SER A 538 10.42 -28.62 11.21
C SER A 538 9.28 -27.63 11.41
N ASP A 539 8.41 -27.49 10.39
CA ASP A 539 7.23 -26.62 10.45
C ASP A 539 6.29 -27.13 11.56
N GLN A 540 6.19 -28.47 11.71
CA GLN A 540 5.37 -29.16 12.70
C GLN A 540 5.86 -28.85 14.10
N HIS A 541 7.19 -28.94 14.32
CA HIS A 541 7.81 -28.66 15.62
C HIS A 541 7.61 -27.20 15.99
N PHE A 542 7.73 -26.29 14.99
CA PHE A 542 7.48 -24.86 15.19
C PHE A 542 6.03 -24.65 15.62
N THR A 543 5.09 -25.21 14.85
CA THR A 543 3.67 -25.04 15.13
C THR A 543 3.26 -25.54 16.52
N SER A 544 3.73 -26.76 16.92
CA SER A 544 3.38 -27.27 18.26
C SER A 544 4.01 -26.45 19.40
N ALA A 545 5.20 -25.86 19.18
CA ALA A 545 5.88 -24.99 20.15
C ALA A 545 5.09 -23.68 20.34
N VAL A 546 4.44 -23.18 19.25
CA VAL A 546 3.59 -21.97 19.33
C VAL A 546 2.35 -22.29 20.17
N HIS A 547 1.65 -23.40 19.83
CA HIS A 547 0.47 -23.87 20.58
C HIS A 547 0.78 -24.11 22.04
N GLN A 548 1.93 -24.76 22.34
CA GLN A 548 2.36 -25.05 23.72
C GLN A 548 2.67 -23.78 24.52
N LYS A 549 3.41 -22.82 23.91
CA LYS A 549 3.78 -21.55 24.56
C LYS A 549 2.60 -20.58 24.76
N HIS A 550 1.59 -20.62 23.88
CA HIS A 550 0.43 -19.72 23.96
C HIS A 550 -0.90 -20.44 24.17
N LYS A 551 -0.87 -21.56 24.95
CA LYS A 551 -2.07 -22.36 25.27
C LYS A 551 -3.20 -21.50 25.87
N ASP A 552 -2.84 -20.48 26.68
CA ASP A 552 -3.77 -19.57 27.35
C ASP A 552 -3.99 -18.23 26.61
N HIS A 553 -3.58 -18.12 25.33
CA HIS A 553 -3.78 -16.88 24.60
C HIS A 553 -5.10 -16.88 23.85
N PHE A 554 -5.94 -15.84 24.08
CA PHE A 554 -7.23 -15.68 23.41
C PHE A 554 -7.12 -15.45 21.89
N ARG A 555 -6.03 -14.81 21.43
CA ARG A 555 -5.85 -14.53 20.00
C ARG A 555 -5.38 -15.77 19.22
N LEU A 556 -5.03 -16.87 19.90
CA LEU A 556 -4.56 -18.08 19.22
C LEU A 556 -5.47 -19.30 19.41
N SER A 557 -5.65 -20.08 18.34
CA SER A 557 -6.41 -21.36 18.35
C SER A 557 -5.85 -22.38 17.37
N ILE A 558 -6.19 -23.66 17.59
CA ILE A 558 -5.79 -24.76 16.72
C ILE A 558 -6.70 -24.67 15.49
N PRO A 559 -6.24 -25.11 14.29
CA PRO A 559 -7.10 -25.02 13.08
C PRO A 559 -8.46 -25.71 13.18
N ARG A 560 -8.58 -26.76 14.03
CA ARG A 560 -9.82 -27.52 14.26
C ARG A 560 -10.93 -26.67 14.88
N LYS A 561 -10.55 -25.64 15.68
CA LYS A 561 -11.47 -24.72 16.35
C LYS A 561 -12.28 -23.85 15.36
N SER A 562 -11.92 -23.88 14.06
CA SER A 562 -12.60 -23.12 13.00
C SER A 562 -13.97 -23.72 12.66
N LYS A 563 -14.93 -22.83 12.32
CA LYS A 563 -16.30 -23.18 11.92
C LYS A 563 -16.28 -23.78 10.49
N LEU A 564 -15.49 -23.15 9.59
CA LEU A 564 -15.27 -23.47 8.18
C LEU A 564 -14.81 -24.92 7.98
N ALA A 565 -15.39 -25.60 6.97
CA ALA A 565 -15.13 -27.01 6.63
C ALA A 565 -13.75 -27.27 6.02
N ILE A 566 -13.13 -26.25 5.38
CA ILE A 566 -11.81 -26.35 4.76
C ILE A 566 -10.68 -26.60 5.79
N HIS A 567 -10.93 -26.23 7.06
CA HIS A 567 -9.95 -26.36 8.15
C HIS A 567 -10.14 -27.62 9.02
N ARG A 568 -11.22 -28.40 8.78
CA ARG A 568 -11.57 -29.62 9.53
C ARG A 568 -10.49 -30.70 9.55
N ASN A 569 -9.78 -30.86 8.42
CA ASN A 569 -8.71 -31.85 8.27
C ASN A 569 -7.32 -31.33 8.69
N ILE A 570 -7.17 -30.00 8.92
CA ILE A 570 -5.87 -29.43 9.33
C ILE A 570 -5.53 -29.79 10.78
N ARG A 571 -4.38 -30.47 10.96
CA ARG A 571 -3.83 -30.90 12.24
C ARG A 571 -3.32 -29.74 13.07
N ASP A 572 -3.27 -29.93 14.43
CA ASP A 572 -2.79 -28.93 15.39
C ASP A 572 -1.38 -28.45 15.06
N ASP A 573 -0.51 -29.34 14.55
CA ASP A 573 0.86 -29.02 14.19
C ASP A 573 1.01 -28.57 12.72
N GLU A 574 -0.13 -28.42 12.01
CA GLU A 574 -0.14 -28.02 10.60
C GLU A 574 -0.65 -26.58 10.43
N GLY A 575 -0.93 -25.92 11.53
CA GLY A 575 -1.37 -24.53 11.47
C GLY A 575 -1.87 -23.93 12.76
N PHE A 576 -2.27 -22.65 12.68
CA PHE A 576 -2.84 -21.92 13.80
C PHE A 576 -3.80 -20.83 13.30
N ILE A 577 -4.75 -20.44 14.16
CA ILE A 577 -5.68 -19.37 13.87
C ILE A 577 -5.27 -18.18 14.70
N ILE A 578 -5.12 -17.00 14.07
CA ILE A 578 -4.86 -15.75 14.77
C ILE A 578 -6.18 -15.02 14.73
N ARG A 579 -6.68 -14.61 15.89
CA ARG A 579 -7.94 -13.92 15.93
C ARG A 579 -7.70 -12.43 15.80
N HIS A 580 -7.36 -11.99 14.58
CA HIS A 580 -7.14 -10.58 14.29
C HIS A 580 -8.53 -9.93 14.42
N PHE A 581 -8.60 -8.67 14.86
CA PHE A 581 -9.89 -7.98 15.02
C PHE A 581 -10.57 -7.83 13.64
N ALA A 582 -9.76 -7.77 12.55
CA ALA A 582 -10.28 -7.66 11.19
C ALA A 582 -10.92 -8.99 10.69
N GLY A 583 -10.72 -10.07 11.46
CA GLY A 583 -11.24 -11.40 11.17
C GLY A 583 -10.25 -12.48 11.58
N ALA A 584 -10.76 -13.66 11.99
CA ALA A 584 -9.92 -14.82 12.34
C ALA A 584 -9.34 -15.41 11.05
N VAL A 585 -8.01 -15.61 11.00
CA VAL A 585 -7.33 -16.15 9.83
C VAL A 585 -6.67 -17.46 10.21
N CYS A 586 -6.89 -18.49 9.41
CA CYS A 586 -6.23 -19.76 9.65
C CYS A 586 -5.01 -19.84 8.75
N TYR A 587 -3.84 -19.93 9.38
CA TYR A 587 -2.59 -20.02 8.64
C TYR A 587 -2.14 -21.46 8.58
N GLU A 588 -1.82 -21.95 7.37
CA GLU A 588 -1.25 -23.29 7.22
C GLU A 588 0.26 -23.08 7.39
N THR A 589 0.84 -23.75 8.37
CA THR A 589 2.26 -23.54 8.68
C THR A 589 3.29 -24.27 7.82
N THR A 590 2.87 -25.01 6.80
CA THR A 590 3.81 -25.68 5.90
C THR A 590 4.65 -24.62 5.15
N GLN A 591 5.97 -24.82 5.09
CA GLN A 591 6.93 -23.90 4.46
C GLN A 591 7.22 -22.62 5.26
N PHE A 592 6.67 -22.44 6.48
CA PHE A 592 6.98 -21.24 7.30
C PHE A 592 8.49 -21.15 7.62
N VAL A 593 9.14 -22.29 7.95
CA VAL A 593 10.58 -22.35 8.25
C VAL A 593 11.40 -21.92 7.02
N GLU A 594 11.09 -22.47 5.84
CA GLU A 594 11.72 -22.15 4.56
C GLU A 594 11.49 -20.69 4.21
N LYS A 595 10.23 -20.22 4.34
CA LYS A 595 9.89 -18.85 3.95
C LYS A 595 10.51 -17.79 4.89
N ASN A 596 10.90 -18.21 6.13
CA ASN A 596 11.47 -17.31 7.14
C ASN A 596 12.99 -17.10 6.97
N ASN A 597 13.60 -17.85 6.03
CA ASN A 597 15.05 -17.72 5.81
C ASN A 597 15.33 -16.96 4.56
N ASP A 598 16.03 -15.81 4.69
CA ASP A 598 16.43 -14.94 3.57
C ASP A 598 17.83 -15.30 3.03
N ALA A 599 18.56 -16.15 3.74
CA ALA A 599 19.92 -16.53 3.36
C ALA A 599 19.93 -17.85 2.57
N LEU A 600 20.81 -17.93 1.57
CA LEU A 600 21.01 -19.15 0.79
C LEU A 600 21.91 -20.11 1.57
N HIS A 601 21.82 -21.42 1.31
CA HIS A 601 22.73 -22.41 1.86
C HIS A 601 24.17 -22.00 1.43
N MET A 602 25.20 -22.29 2.26
CA MET A 602 26.60 -21.93 1.98
C MET A 602 27.13 -22.29 0.59
N SER A 603 26.83 -23.50 0.11
CA SER A 603 27.31 -23.96 -1.20
C SER A 603 26.67 -23.22 -2.39
N LEU A 604 25.44 -22.73 -2.24
CA LEU A 604 24.78 -21.95 -3.28
C LEU A 604 25.27 -20.50 -3.16
N GLU A 605 25.49 -20.04 -1.92
CA GLU A 605 26.00 -18.69 -1.63
C GLU A 605 27.42 -18.57 -2.26
N SER A 606 28.27 -19.59 -2.07
CA SER A 606 29.64 -19.59 -2.63
C SER A 606 29.65 -19.55 -4.13
N LEU A 607 28.83 -20.43 -4.77
CA LEU A 607 28.66 -20.54 -6.21
C LEU A 607 28.40 -19.16 -6.82
N ILE A 608 27.41 -18.44 -6.28
CA ILE A 608 27.01 -17.11 -6.74
C ILE A 608 28.01 -15.99 -6.39
N CYS A 609 28.65 -16.05 -5.20
CA CYS A 609 29.66 -15.06 -4.77
C CYS A 609 30.95 -15.15 -5.60
N GLU A 610 31.24 -16.33 -6.16
CA GLU A 610 32.43 -16.60 -6.97
C GLU A 610 32.14 -16.49 -8.49
N SER A 611 31.04 -15.82 -8.86
CA SER A 611 30.68 -15.64 -10.25
C SER A 611 31.79 -14.89 -10.99
N ARG A 612 31.97 -15.20 -12.28
CA ARG A 612 32.94 -14.48 -13.12
C ARG A 612 32.44 -13.06 -13.41
N ASP A 613 31.12 -12.82 -13.29
N ASP A 613 31.12 -12.83 -13.28
CA ASP A 613 30.51 -11.52 -13.56
CA ASP A 613 30.52 -11.54 -13.55
C ASP A 613 30.52 -10.62 -12.34
C ASP A 613 30.56 -10.63 -12.32
N LYS A 614 31.20 -9.45 -12.47
CA LYS A 614 31.32 -8.45 -11.40
C LYS A 614 29.96 -8.01 -10.85
N PHE A 615 28.97 -7.79 -11.75
CA PHE A 615 27.60 -7.37 -11.38
C PHE A 615 26.94 -8.42 -10.45
N ILE A 616 27.07 -9.72 -10.78
CA ILE A 616 26.55 -10.82 -9.98
C ILE A 616 27.27 -10.83 -8.63
N ARG A 617 28.64 -10.77 -8.60
CA ARG A 617 29.36 -10.71 -7.31
C ARG A 617 28.86 -9.53 -6.49
N GLU A 618 28.61 -8.38 -7.15
CA GLU A 618 28.13 -7.17 -6.46
C GLU A 618 26.72 -7.27 -5.90
N LEU A 619 25.90 -8.22 -6.41
CA LEU A 619 24.54 -8.43 -5.86
C LEU A 619 24.63 -9.10 -4.47
N PHE A 620 25.77 -9.75 -4.19
CA PHE A 620 26.03 -10.50 -2.95
C PHE A 620 27.27 -10.01 -2.19
N GLU A 621 27.73 -8.78 -2.44
CA GLU A 621 28.90 -8.18 -1.79
C GLU A 621 28.63 -7.89 -0.29
N LEU A 637 25.79 -23.00 9.29
CA LEU A 637 24.36 -22.65 9.29
C LEU A 637 24.08 -21.21 8.81
N SER A 638 23.60 -21.07 7.56
CA SER A 638 23.26 -19.79 6.95
C SER A 638 21.80 -19.45 7.26
N PHE A 639 21.58 -18.39 8.05
CA PHE A 639 20.26 -17.95 8.44
C PHE A 639 20.10 -16.47 8.64
N ILE A 640 19.12 -15.89 7.92
CA ILE A 640 18.70 -14.49 8.08
C ILE A 640 17.16 -14.53 8.20
N SER A 641 16.64 -14.12 9.37
CA SER A 641 15.20 -14.13 9.65
C SER A 641 14.45 -13.10 8.82
N VAL A 642 13.53 -13.56 7.98
CA VAL A 642 12.66 -12.71 7.17
C VAL A 642 11.72 -11.95 8.14
N GLY A 643 11.17 -12.67 9.12
CA GLY A 643 10.22 -12.12 10.07
C GLY A 643 10.76 -10.97 10.88
N ASN A 644 11.93 -11.19 11.47
CA ASN A 644 12.60 -10.20 12.31
C ASN A 644 13.22 -9.07 11.51
N LYS A 645 13.72 -9.34 10.29
CA LYS A 645 14.18 -8.29 9.38
C LYS A 645 12.98 -7.34 9.12
N PHE A 646 11.79 -7.91 8.82
CA PHE A 646 10.58 -7.11 8.57
C PHE A 646 10.13 -6.38 9.82
N LYS A 647 10.15 -7.04 10.98
CA LYS A 647 9.79 -6.36 12.23
C LYS A 647 10.65 -5.08 12.42
N THR A 648 11.98 -5.17 12.20
CA THR A 648 12.89 -4.02 12.33
C THR A 648 12.52 -2.92 11.31
N GLN A 649 12.25 -3.30 10.04
CA GLN A 649 11.87 -2.31 9.02
C GLN A 649 10.56 -1.61 9.40
N LEU A 650 9.58 -2.38 9.88
CA LEU A 650 8.29 -1.84 10.28
C LEU A 650 8.40 -0.87 11.47
N ASN A 651 9.28 -1.19 12.44
CA ASN A 651 9.53 -0.32 13.60
C ASN A 651 10.22 0.99 13.21
N LEU A 652 11.10 0.99 12.18
CA LEU A 652 11.71 2.23 11.69
C LEU A 652 10.61 3.09 11.02
N LEU A 653 9.71 2.44 10.27
CA LEU A 653 8.61 3.10 9.57
C LEU A 653 7.66 3.72 10.58
N LEU A 654 7.28 2.94 11.62
CA LEU A 654 6.41 3.42 12.70
C LEU A 654 7.06 4.58 13.47
N ASP A 655 8.40 4.57 13.64
CA ASP A 655 9.12 5.71 14.25
C ASP A 655 8.94 6.98 13.41
N LYS A 656 8.96 6.84 12.08
CA LYS A 656 8.75 7.94 11.15
C LYS A 656 7.32 8.45 11.19
N LEU A 657 6.33 7.52 11.11
CA LEU A 657 4.91 7.87 11.21
C LEU A 657 4.54 8.58 12.53
N ARG A 658 5.10 8.13 13.66
CA ARG A 658 4.77 8.71 14.97
C ARG A 658 5.38 10.08 15.15
N SER A 659 6.45 10.37 14.40
CA SER A 659 7.14 11.66 14.53
C SER A 659 6.72 12.67 13.48
N THR A 660 5.75 12.32 12.62
CA THR A 660 5.28 13.21 11.57
C THR A 660 3.77 13.43 11.71
N GLY A 661 3.26 14.48 11.06
CA GLY A 661 1.83 14.71 10.86
C GLY A 661 1.38 13.67 9.85
N ALA A 662 0.15 13.21 9.93
CA ALA A 662 -0.43 12.18 9.08
C ALA A 662 -1.65 12.71 8.36
N SER A 663 -1.76 12.32 7.08
CA SER A 663 -2.89 12.65 6.22
C SER A 663 -3.31 11.28 5.73
N PHE A 664 -4.60 11.07 5.59
CA PHE A 664 -5.14 9.77 5.20
C PHE A 664 -5.97 9.85 3.94
N ILE A 665 -5.75 8.85 3.05
CA ILE A 665 -6.50 8.63 1.80
C ILE A 665 -7.04 7.22 1.86
N ARG A 666 -8.35 7.06 1.80
CA ARG A 666 -8.99 5.74 1.83
C ARG A 666 -9.43 5.41 0.40
N CYS A 667 -8.74 4.46 -0.24
CA CYS A 667 -9.10 4.01 -1.59
C CYS A 667 -10.14 2.96 -1.52
N ILE A 668 -11.13 3.06 -2.41
CA ILE A 668 -12.30 2.20 -2.48
C ILE A 668 -12.39 1.53 -3.82
N LYS A 669 -12.49 0.19 -3.83
CA LYS A 669 -12.64 -0.64 -5.05
C LYS A 669 -14.15 -0.81 -5.32
N PRO A 670 -14.68 -0.29 -6.46
CA PRO A 670 -16.14 -0.28 -6.67
C PRO A 670 -16.82 -1.60 -7.04
N ASN A 671 -16.02 -2.59 -7.50
CA ASN A 671 -16.51 -3.88 -7.93
C ASN A 671 -15.33 -4.83 -8.04
N LEU A 672 -15.61 -6.13 -8.25
CA LEU A 672 -14.60 -7.17 -8.37
C LEU A 672 -14.29 -7.55 -9.85
N LYS A 673 -14.74 -6.72 -10.79
CA LYS A 673 -14.63 -7.02 -12.22
C LYS A 673 -13.75 -6.05 -13.00
N MET A 674 -13.08 -5.09 -12.31
CA MET A 674 -12.23 -4.06 -12.93
C MET A 674 -12.99 -3.23 -13.98
N THR A 675 -14.28 -2.99 -13.75
CA THR A 675 -15.08 -2.25 -14.72
C THR A 675 -15.39 -0.86 -14.22
N SER A 676 -15.59 0.08 -15.16
CA SER A 676 -15.97 1.45 -14.83
C SER A 676 -17.48 1.53 -14.70
N HIS A 677 -17.97 2.59 -14.03
CA HIS A 677 -19.39 2.86 -13.84
C HIS A 677 -20.19 1.64 -13.32
N HIS A 678 -19.59 0.90 -12.37
CA HIS A 678 -20.25 -0.25 -11.79
C HIS A 678 -20.08 -0.21 -10.28
N PHE A 679 -20.97 0.53 -9.63
CA PHE A 679 -20.92 0.76 -8.19
C PHE A 679 -21.60 -0.38 -7.45
N GLU A 680 -20.83 -1.28 -6.81
CA GLU A 680 -21.41 -2.38 -6.02
C GLU A 680 -21.62 -1.89 -4.58
N GLY A 681 -22.82 -1.41 -4.29
CA GLY A 681 -23.21 -0.82 -3.00
C GLY A 681 -22.78 -1.58 -1.76
N ALA A 682 -23.12 -2.89 -1.68
CA ALA A 682 -22.76 -3.72 -0.53
C ALA A 682 -21.25 -3.93 -0.37
N GLN A 683 -20.52 -4.03 -1.51
CA GLN A 683 -19.06 -4.21 -1.48
C GLN A 683 -18.40 -2.96 -0.95
N ILE A 684 -18.88 -1.77 -1.39
CA ILE A 684 -18.30 -0.49 -0.96
C ILE A 684 -18.66 -0.24 0.50
N LEU A 685 -19.92 -0.51 0.90
CA LEU A 685 -20.35 -0.39 2.29
C LEU A 685 -19.41 -1.18 3.19
N SER A 686 -19.21 -2.49 2.86
CA SER A 686 -18.31 -3.36 3.60
C SER A 686 -16.92 -2.76 3.76
N GLN A 687 -16.39 -2.10 2.70
CA GLN A 687 -15.07 -1.45 2.81
C GLN A 687 -15.14 -0.25 3.74
N LEU A 688 -16.25 0.51 3.70
CA LEU A 688 -16.39 1.68 4.57
C LEU A 688 -16.46 1.27 6.03
N GLN A 689 -17.11 0.13 6.29
CA GLN A 689 -17.22 -0.42 7.65
C GLN A 689 -15.88 -1.00 8.12
N CYS A 690 -15.29 -1.91 7.33
CA CYS A 690 -14.00 -2.55 7.67
C CYS A 690 -12.82 -1.58 7.80
N SER A 691 -12.83 -0.47 7.04
CA SER A 691 -11.75 0.51 7.08
C SER A 691 -11.74 1.29 8.42
N GLY A 692 -12.84 1.21 9.16
CA GLY A 692 -13.05 1.95 10.38
C GLY A 692 -13.63 3.32 10.11
N MET A 693 -13.86 3.69 8.82
CA MET A 693 -14.45 4.98 8.40
C MET A 693 -15.80 5.22 9.10
N VAL A 694 -16.72 4.25 8.99
CA VAL A 694 -18.04 4.34 9.62
C VAL A 694 -17.97 4.64 11.11
N SER A 695 -17.06 3.93 11.85
CA SER A 695 -16.91 4.10 13.30
C SER A 695 -16.45 5.51 13.71
N VAL A 696 -15.77 6.28 12.82
CA VAL A 696 -15.26 7.62 13.16
C VAL A 696 -16.08 8.80 12.63
N LEU A 697 -17.17 8.54 11.89
CA LEU A 697 -17.96 9.58 11.25
C LEU A 697 -18.38 10.70 12.19
N ASP A 698 -18.87 10.35 13.38
CA ASP A 698 -19.36 11.35 14.35
C ASP A 698 -18.21 12.09 14.97
N LEU A 699 -17.08 11.40 15.23
CA LEU A 699 -15.91 12.05 15.78
C LEU A 699 -15.34 13.07 14.79
N MET A 700 -15.31 12.72 13.49
CA MET A 700 -14.81 13.62 12.44
C MET A 700 -15.77 14.81 12.24
N GLN A 701 -17.08 14.53 12.12
CA GLN A 701 -18.08 15.59 11.97
C GLN A 701 -18.16 16.54 13.18
N GLY A 702 -18.03 16.01 14.39
CA GLY A 702 -18.06 16.79 15.64
C GLY A 702 -16.68 17.23 16.13
N GLY A 703 -15.65 16.98 15.33
CA GLY A 703 -14.26 17.26 15.63
C GLY A 703 -13.79 18.64 15.19
N PHE A 704 -12.50 18.89 15.42
CA PHE A 704 -11.87 20.18 15.19
C PHE A 704 -10.49 19.93 14.59
N PRO A 705 -10.43 19.78 13.24
CA PRO A 705 -9.14 19.46 12.62
C PRO A 705 -8.12 20.56 12.52
N SER A 706 -8.51 21.83 12.67
CA SER A 706 -7.58 22.96 12.59
C SER A 706 -7.52 23.65 13.96
N ARG A 707 -6.34 24.00 14.44
CA ARG A 707 -6.19 24.67 15.74
C ARG A 707 -4.91 25.47 15.81
N ALA A 708 -4.91 26.52 16.65
CA ALA A 708 -3.75 27.36 16.89
C ALA A 708 -3.87 27.94 18.27
N SER A 709 -2.75 28.15 18.98
CA SER A 709 -2.82 28.70 20.32
C SER A 709 -3.17 30.20 20.29
N PHE A 710 -3.86 30.70 21.35
CA PHE A 710 -4.16 32.13 21.46
C PHE A 710 -2.81 32.90 21.47
N HIS A 711 -1.80 32.40 22.21
N HIS A 711 -1.79 32.37 22.21
CA HIS A 711 -0.48 33.03 22.29
CA HIS A 711 -0.44 32.92 22.32
C HIS A 711 0.21 33.18 20.92
C HIS A 711 0.22 33.15 20.96
N GLU A 712 0.22 32.14 20.08
CA GLU A 712 0.85 32.23 18.76
C GLU A 712 0.17 33.22 17.81
N LEU A 713 -1.17 33.28 17.87
CA LEU A 713 -1.93 34.19 17.05
C LEU A 713 -1.64 35.59 17.46
N TYR A 714 -1.74 35.89 18.77
CA TYR A 714 -1.46 37.20 19.34
C TYR A 714 -0.03 37.69 18.98
N ASN A 715 0.98 36.83 19.17
CA ASN A 715 2.39 37.12 18.89
C ASN A 715 2.67 37.45 17.43
N MET A 716 1.99 36.78 16.49
CA MET A 716 2.10 37.03 15.05
C MET A 716 1.55 38.42 14.66
N TYR A 717 0.42 38.83 15.27
CA TYR A 717 -0.23 40.12 15.02
C TYR A 717 0.33 41.27 15.84
N LYS A 718 0.94 40.99 17.00
CA LYS A 718 1.40 42.00 17.97
C LYS A 718 2.08 43.23 17.41
N LYS A 719 3.12 43.06 16.58
CA LYS A 719 3.86 44.21 16.07
C LYS A 719 3.01 45.14 15.17
N TYR A 720 1.93 44.63 14.58
CA TYR A 720 1.05 45.41 13.70
C TYR A 720 -0.09 46.11 14.45
N MET A 721 -0.31 45.71 15.70
CA MET A 721 -1.41 46.20 16.52
C MET A 721 -1.21 47.60 17.10
N PRO A 722 -2.28 48.42 17.17
CA PRO A 722 -2.17 49.68 17.94
C PRO A 722 -2.30 49.33 19.43
N ASP A 723 -2.09 50.30 20.34
CA ASP A 723 -2.17 50.12 21.80
C ASP A 723 -3.46 49.45 22.29
N LYS A 724 -4.63 49.88 21.75
CA LYS A 724 -5.95 49.37 22.10
C LYS A 724 -6.02 47.86 21.87
N LEU A 725 -5.35 47.36 20.80
CA LEU A 725 -5.33 45.94 20.48
C LEU A 725 -4.34 45.16 21.34
N ALA A 726 -3.08 45.62 21.42
CA ALA A 726 -2.01 45.00 22.22
C ALA A 726 -2.36 44.87 23.72
N ARG A 727 -3.20 45.77 24.23
CA ARG A 727 -3.64 45.76 25.63
C ARG A 727 -4.55 44.56 25.92
N LEU A 728 -5.18 43.97 24.89
CA LEU A 728 -6.05 42.82 25.09
C LEU A 728 -5.24 41.56 25.42
N ASP A 729 -5.80 40.70 26.26
CA ASP A 729 -5.22 39.41 26.57
C ASP A 729 -5.34 38.58 25.26
N PRO A 730 -4.36 37.68 24.92
CA PRO A 730 -4.43 36.94 23.66
C PRO A 730 -5.79 36.33 23.33
N ARG A 731 -6.47 35.73 24.32
CA ARG A 731 -7.77 35.10 24.08
C ARG A 731 -8.78 36.17 23.61
N LEU A 732 -8.74 37.34 24.25
CA LEU A 732 -9.60 38.47 23.94
C LEU A 732 -9.27 39.11 22.59
N PHE A 733 -7.97 39.18 22.22
CA PHE A 733 -7.61 39.70 20.91
C PHE A 733 -8.18 38.77 19.81
N CYS A 734 -8.04 37.44 20.00
CA CYS A 734 -8.52 36.43 19.06
C CYS A 734 -10.01 36.56 18.87
N LYS A 735 -10.76 36.78 19.96
CA LYS A 735 -12.21 36.97 19.90
C LYS A 735 -12.58 38.20 19.08
N ALA A 736 -11.88 39.34 19.28
CA ALA A 736 -12.14 40.57 18.52
C ALA A 736 -11.79 40.32 17.05
N LEU A 737 -10.66 39.62 16.76
CA LEU A 737 -10.26 39.30 15.39
C LEU A 737 -11.33 38.50 14.65
N PHE A 738 -11.89 37.46 15.29
CA PHE A 738 -12.89 36.58 14.70
C PHE A 738 -14.23 37.26 14.52
N LYS A 739 -14.62 38.09 15.48
CA LYS A 739 -15.86 38.86 15.40
C LYS A 739 -15.80 39.87 14.24
N ALA A 740 -14.69 40.60 14.11
CA ALA A 740 -14.47 41.58 13.05
C ALA A 740 -14.51 40.93 11.67
N LEU A 741 -14.07 39.67 11.54
CA LEU A 741 -14.04 38.97 10.26
C LEU A 741 -15.34 38.25 9.90
N GLY A 742 -16.33 38.31 10.78
CA GLY A 742 -17.63 37.68 10.57
C GLY A 742 -17.70 36.21 10.88
N LEU A 743 -16.71 35.64 11.62
CA LEU A 743 -16.73 34.24 12.02
C LEU A 743 -17.70 34.05 13.18
N ASN A 744 -18.21 32.82 13.39
CA ASN A 744 -19.13 32.49 14.49
C ASN A 744 -18.84 31.14 15.10
N GLU A 745 -19.68 30.69 16.05
CA GLU A 745 -19.55 29.38 16.72
C GLU A 745 -19.70 28.16 15.81
N ILE A 746 -20.42 28.31 14.67
CA ILE A 746 -20.57 27.24 13.70
C ILE A 746 -19.22 27.00 12.98
N ASP A 747 -18.33 28.01 13.06
CA ASP A 747 -17.03 27.95 12.45
C ASP A 747 -15.95 27.46 13.45
N TYR A 748 -15.95 27.98 14.70
CA TYR A 748 -14.92 27.67 15.69
C TYR A 748 -15.42 27.51 17.11
N LYS A 749 -14.53 27.01 17.99
CA LYS A 749 -14.73 26.89 19.42
C LYS A 749 -13.41 27.27 20.12
N PHE A 750 -13.51 27.97 21.25
CA PHE A 750 -12.34 28.32 22.05
C PHE A 750 -12.08 27.22 23.08
N GLY A 751 -10.84 26.73 23.11
CA GLY A 751 -10.38 25.79 24.11
C GLY A 751 -9.74 26.57 25.25
N LEU A 752 -9.07 25.85 26.15
CA LEU A 752 -8.38 26.52 27.27
C LEU A 752 -7.19 27.34 26.82
N THR A 753 -6.47 26.89 25.79
CA THR A 753 -5.28 27.61 25.30
C THR A 753 -5.23 27.78 23.78
N LYS A 754 -6.15 27.13 23.05
CA LYS A 754 -6.15 27.16 21.60
C LYS A 754 -7.54 27.44 21.05
N VAL A 755 -7.57 27.98 19.83
CA VAL A 755 -8.82 28.15 19.08
C VAL A 755 -8.92 26.92 18.16
N PHE A 756 -10.13 26.38 17.99
CA PHE A 756 -10.32 25.19 17.14
C PHE A 756 -11.33 25.49 16.07
N PHE A 757 -11.03 25.11 14.81
CA PHE A 757 -11.89 25.29 13.64
C PHE A 757 -12.46 23.93 13.20
N ARG A 758 -13.76 23.91 12.88
CA ARG A 758 -14.50 22.70 12.53
C ARG A 758 -14.22 22.25 11.09
N PRO A 759 -14.67 21.02 10.67
CA PRO A 759 -14.55 20.63 9.25
C PRO A 759 -15.24 21.65 8.33
N GLY A 760 -14.71 21.81 7.14
CA GLY A 760 -15.22 22.77 6.17
C GLY A 760 -14.86 24.22 6.49
N LYS A 761 -14.03 24.46 7.52
CA LYS A 761 -13.62 25.83 7.90
C LYS A 761 -12.12 26.05 7.69
N PHE A 762 -11.49 25.22 6.82
CA PHE A 762 -10.05 25.30 6.51
C PHE A 762 -9.65 26.62 5.87
N ALA A 763 -10.48 27.18 4.97
CA ALA A 763 -10.15 28.44 4.31
C ALA A 763 -10.18 29.60 5.30
N GLU A 764 -11.16 29.59 6.22
CA GLU A 764 -11.27 30.63 7.24
C GLU A 764 -10.08 30.50 8.21
N PHE A 765 -9.71 29.26 8.61
CA PHE A 765 -8.55 29.07 9.48
C PHE A 765 -7.27 29.55 8.77
N ASP A 766 -7.06 29.13 7.48
CA ASP A 766 -5.86 29.60 6.77
C ASP A 766 -5.80 31.12 6.64
N GLN A 767 -6.95 31.82 6.50
CA GLN A 767 -6.92 33.29 6.43
C GLN A 767 -6.41 33.91 7.75
N ILE A 768 -6.80 33.33 8.89
CA ILE A 768 -6.39 33.75 10.27
C ILE A 768 -4.88 33.49 10.48
N MET A 769 -4.36 32.39 9.92
CA MET A 769 -2.98 31.93 10.05
C MET A 769 -1.98 32.57 9.12
N LYS A 770 -2.44 33.09 7.95
CA LYS A 770 -1.59 33.71 6.92
C LYS A 770 -0.66 34.77 7.54
N SER A 771 0.68 34.53 7.52
CA SER A 771 1.69 35.38 8.16
C SER A 771 2.30 36.55 7.33
N ASP A 772 1.81 36.78 6.10
CA ASP A 772 2.29 37.86 5.23
C ASP A 772 2.06 39.24 5.86
N PRO A 773 3.12 40.08 6.03
CA PRO A 773 2.93 41.43 6.62
C PRO A 773 1.77 42.27 6.08
N ASP A 774 1.53 42.26 4.75
CA ASP A 774 0.45 43.05 4.15
C ASP A 774 -0.90 42.52 4.57
N HIS A 775 -1.03 41.17 4.62
CA HIS A 775 -2.24 40.48 5.02
C HIS A 775 -2.55 40.74 6.50
N LEU A 776 -1.50 40.67 7.35
CA LEU A 776 -1.61 40.90 8.78
C LEU A 776 -2.05 42.31 9.09
N ALA A 777 -1.43 43.32 8.45
CA ALA A 777 -1.76 44.73 8.65
C ALA A 777 -3.20 45.05 8.24
N GLU A 778 -3.66 44.43 7.13
CA GLU A 778 -5.00 44.55 6.55
C GLU A 778 -6.07 44.04 7.55
N LEU A 779 -5.86 42.84 8.14
CA LEU A 779 -6.79 42.25 9.12
C LEU A 779 -6.85 43.10 10.39
N VAL A 780 -5.70 43.63 10.83
CA VAL A 780 -5.59 44.51 12.01
C VAL A 780 -6.37 45.81 11.74
N LYS A 781 -6.32 46.31 10.48
CA LYS A 781 -7.03 47.52 10.06
C LYS A 781 -8.52 47.26 10.17
N ARG A 782 -8.96 46.05 9.75
CA ARG A 782 -10.35 45.62 9.82
C ARG A 782 -10.83 45.54 11.28
N VAL A 783 -9.99 44.99 12.19
CA VAL A 783 -10.30 44.91 13.62
C VAL A 783 -10.41 46.33 14.22
N ASN A 784 -9.45 47.24 13.89
CA ASN A 784 -9.46 48.61 14.37
C ASN A 784 -10.75 49.30 13.99
N HIS A 785 -11.20 49.08 12.74
CA HIS A 785 -12.43 49.67 12.22
C HIS A 785 -13.69 49.11 12.89
N TRP A 786 -13.71 47.80 13.20
CA TRP A 786 -14.82 47.13 13.86
C TRP A 786 -14.98 47.61 15.32
N LEU A 787 -13.86 47.86 16.02
CA LEU A 787 -13.81 48.27 17.44
C LEU A 787 -14.48 49.57 17.86
N ILE A 788 -14.40 50.64 17.02
CA ILE A 788 -14.92 51.98 17.26
C ILE A 788 -16.39 52.06 17.66
C1 GOL B . -4.80 -0.33 6.85
O1 GOL B . -3.50 -0.12 7.37
C2 GOL B . -5.84 -0.32 7.96
O2 GOL B . -5.69 0.87 8.73
C3 GOL B . -7.20 -0.36 7.33
O3 GOL B . -8.22 0.08 8.22
P PO4 C . -3.66 -9.56 -4.42
O1 PO4 C . -5.15 -9.54 -4.00
O2 PO4 C . -3.46 -8.54 -5.61
O3 PO4 C . -3.30 -11.01 -4.88
O4 PO4 C . -2.78 -9.22 -3.19
MG MG D . -0.44 -1.26 -5.48
PB ADP E . -3.68 -1.01 -5.43
O1B ADP E . -4.54 -0.43 -4.29
O2B ADP E . -2.30 -0.50 -5.38
O3B ADP E . -3.75 -2.57 -5.41
PA ADP E . -3.88 0.28 -8.10
O1A ADP E . -3.44 1.65 -7.78
O2A ADP E . -2.71 -0.49 -8.74
O3A ADP E . -4.36 -0.50 -6.79
O5' ADP E . -5.11 0.33 -9.08
C5' ADP E . -5.56 -0.78 -9.89
C4' ADP E . -5.89 -0.29 -11.27
O4' ADP E . -7.05 0.57 -11.22
C3' ADP E . -4.82 0.57 -11.95
O3' ADP E . -3.79 -0.24 -12.51
C2' ADP E . -5.65 1.35 -12.97
O2' ADP E . -6.04 0.55 -14.08
C1' ADP E . -6.92 1.63 -12.16
N9 ADP E . -6.93 2.91 -11.44
C8 ADP E . -6.81 3.12 -10.09
N7 ADP E . -6.98 4.36 -9.73
C5 ADP E . -7.20 5.03 -10.93
C6 ADP E . -7.44 6.39 -11.23
N6 ADP E . -7.64 7.33 -10.31
N1 ADP E . -7.54 6.72 -12.54
C2 ADP E . -7.47 5.76 -13.46
N3 ADP E . -7.31 4.45 -13.30
C4 ADP E . -7.16 4.15 -11.99
C1 GOL F . 11.42 -5.84 -31.16
O1 GOL F . 11.54 -4.45 -31.37
C2 GOL F . 10.22 -6.12 -30.28
O2 GOL F . 9.07 -5.48 -30.85
C3 GOL F . 10.03 -7.62 -30.28
O3 GOL F . 8.67 -8.00 -30.10
C1 GOL G . 16.46 -22.81 -22.44
O1 GOL G . 16.05 -22.60 -21.08
C2 GOL G . 15.57 -23.80 -23.15
O2 GOL G . 15.59 -25.04 -22.43
C3 GOL G . 14.13 -23.34 -23.29
O3 GOL G . 14.06 -22.08 -23.98
C1 GOL H . -9.91 6.95 8.32
O1 GOL H . -11.10 6.29 8.69
C2 GOL H . -8.89 6.02 7.70
O2 GOL H . -9.33 4.66 7.80
C3 GOL H . -8.67 6.39 6.25
O3 GOL H . -7.94 5.37 5.59
C1 GOL I . -9.73 4.57 11.24
O1 GOL I . -10.64 4.33 10.18
C2 GOL I . -10.35 4.15 12.56
O2 GOL I . -10.53 2.73 12.59
C3 GOL I . -9.46 4.57 13.71
O3 GOL I . -8.18 3.95 13.61
C1 GOL J . 3.65 -10.81 -35.66
O1 GOL J . 2.68 -11.45 -34.84
C2 GOL J . 3.35 -9.34 -35.86
O2 GOL J . 3.09 -8.72 -34.59
C3 GOL J . 4.55 -8.69 -36.49
O3 GOL J . 4.23 -7.35 -36.87
C1 GOL K . -3.46 10.53 -15.66
O1 GOL K . -2.17 10.89 -16.14
C2 GOL K . -3.66 9.03 -15.59
O2 GOL K . -2.53 8.41 -14.98
C3 GOL K . -4.91 8.68 -14.80
O3 GOL K . -6.10 9.10 -15.48
C1 GOL L . -6.55 -9.53 -29.82
O1 GOL L . -6.53 -9.99 -28.48
C2 GOL L . -5.20 -9.00 -30.25
O2 GOL L . -4.22 -10.04 -30.13
C3 GOL L . -4.76 -7.77 -29.49
O3 GOL L . -5.79 -6.78 -29.47
C1 GOL M . 16.57 6.83 6.43
O1 GOL M . 15.46 5.95 6.48
C2 GOL M . 16.87 7.20 4.99
O2 GOL M . 18.27 7.03 4.74
C3 GOL M . 16.47 8.62 4.71
O3 GOL M . 15.08 8.83 5.01
#